data_5BNZ
#
_entry.id   5BNZ
#
_cell.length_a   109.010
_cell.length_b   56.020
_cell.length_c   127.140
_cell.angle_alpha   90.000
_cell.angle_beta   99.410
_cell.angle_gamma   90.000
#
_symmetry.space_group_name_H-M   'P 1 2 1'
#
loop_
_entity.id
_entity.type
_entity.pdbx_description
1 polymer 'Glutamine--tRNA ligase'
2 non-polymer 'SULFATE ION'
3 non-polymer 'CHLORIDE ION'
4 water water
#
_entity_poly.entity_id   1
_entity_poly.type   'polypeptide(L)'
_entity_poly.pdbx_seq_one_letter_code
;MAHHHHHHMSKPETTAAPNFLRQIVQADLDAGKHAKIVTRFPPEPNGYLHIGHAKSICLNFGLAQEFAGDCHLRFDDTNP
AKEDQEYIDAIEADIKWLGFQWSGEVCYASNYFDQLHAWAVELIKAGKAFVCDLGPEEMREYRGTLTEPGRNSPYRDRSV
EENLDLFARMKAGEFPDGARSLRAKIDMGSPNMNLRDPILYRIRHAHHHQTGDKWCIYPSYDFTHGQSDAIEGITHSICT
LEFEDHRPLYEWFLANLPVPAQPRQYEFSRLNLNYTVTSKRKLKQLVDEGHVSGWDDPRMSTLSGYRRRGYTPESIRNFC
EMIGVNRASGVVDIGMLEFSIRDHLDATAPRAMCVLKPLKVVITNYPEGQVENLELPRHPKEDMGVRVLPFGRELFIDAG
DFEEVPPAGYKRLIPGGEVRLRGSYVIRADEAIKDADGNIVELRCSYDPDTLGKNPEGRKVKGVIHWVPAEGSVECEVRL
YDRLFRSANPEKAEEGGSFLDNINADSLQVLAGCRAEPSLGQANPEDRFQFEREGYFVADLKDSRPGKPVFNRTVTLRDS
WGQG
;
_entity_poly.pdbx_strand_id   A,B
#
loop_
_chem_comp.id
_chem_comp.type
_chem_comp.name
_chem_comp.formula
CL non-polymer 'CHLORIDE ION' 'Cl -1'
SO4 non-polymer 'SULFATE ION' 'O4 S -2'
#
# COMPACT_ATOMS: atom_id res chain seq x y z
N ALA A 16 0.27 -5.93 6.43
CA ALA A 16 1.40 -5.07 6.09
C ALA A 16 1.00 -4.01 5.08
N ALA A 17 0.26 -4.41 4.06
CA ALA A 17 -0.19 -3.48 3.01
C ALA A 17 -1.16 -2.46 3.59
N PRO A 18 -1.19 -1.26 2.99
CA PRO A 18 -2.08 -0.19 3.46
C PRO A 18 -3.55 -0.55 3.34
N ASN A 19 -4.36 0.05 4.20
CA ASN A 19 -5.81 -0.12 4.20
C ASN A 19 -6.38 1.29 4.16
N PHE A 20 -6.93 1.70 3.01
CA PHE A 20 -7.31 3.11 2.86
C PHE A 20 -8.51 3.48 3.75
N LEU A 21 -9.33 2.49 4.10
CA LEU A 21 -10.48 2.76 4.95
C LEU A 21 -10.05 2.98 6.39
N ARG A 22 -9.06 2.22 6.84
CA ARG A 22 -8.44 2.45 8.14
C ARG A 22 -7.97 3.91 8.24
N GLN A 23 -7.36 4.42 7.18
CA GLN A 23 -6.82 5.78 7.21
C GLN A 23 -7.94 6.83 7.23
N ILE A 24 -9.03 6.52 6.57
CA ILE A 24 -10.20 7.41 6.54
C ILE A 24 -10.77 7.54 7.95
N VAL A 25 -10.92 6.42 8.65
CA VAL A 25 -11.45 6.42 10.01
C VAL A 25 -10.49 7.11 10.98
N GLN A 26 -9.21 6.81 10.85
CA GLN A 26 -8.21 7.45 11.69
C GLN A 26 -8.19 8.98 11.51
N ALA A 27 -8.41 9.45 10.29
CA ALA A 27 -8.39 10.90 10.04
C ALA A 27 -9.53 11.58 10.80
N ASP A 28 -10.67 10.90 10.90
CA ASP A 28 -11.79 11.44 11.69
C ASP A 28 -11.39 11.60 13.15
N LEU A 29 -10.68 10.61 13.67
CA LEU A 29 -10.17 10.65 15.04
C LEU A 29 -9.17 11.78 15.21
N ASP A 30 -8.22 11.87 14.28
CA ASP A 30 -7.22 12.94 14.31
C ASP A 30 -7.87 14.33 14.31
N ALA A 31 -9.02 14.42 13.65
CA ALA A 31 -9.72 15.69 13.53
C ALA A 31 -10.60 15.97 14.75
N GLY A 32 -10.57 15.07 15.72
CA GLY A 32 -11.31 15.26 16.96
C GLY A 32 -12.74 14.74 16.95
N LYS A 33 -13.09 13.99 15.92
CA LYS A 33 -14.43 13.43 15.79
CA LYS A 33 -14.44 13.44 15.81
C LYS A 33 -14.51 12.12 16.59
N HIS A 34 -15.60 11.93 17.32
CA HIS A 34 -15.72 10.80 18.25
C HIS A 34 -16.84 9.82 17.90
N ALA A 35 -17.54 10.05 16.79
CA ALA A 35 -18.65 9.19 16.41
C ALA A 35 -18.17 7.77 16.12
N LYS A 36 -18.87 6.81 16.71
CA LYS A 36 -18.60 5.40 16.51
C LYS A 36 -18.82 5.02 15.06
N ILE A 37 -18.01 4.13 14.50
CA ILE A 37 -18.28 3.70 13.13
C ILE A 37 -19.24 2.54 13.14
N VAL A 38 -20.04 2.47 12.09
CA VAL A 38 -21.02 1.39 11.92
C VAL A 38 -20.89 0.91 10.50
N THR A 39 -20.43 -0.32 10.35
CA THR A 39 -20.30 -0.94 9.04
C THR A 39 -21.30 -2.07 8.91
N ARG A 40 -21.34 -2.71 7.75
CA ARG A 40 -22.16 -3.92 7.62
C ARG A 40 -21.60 -4.88 6.59
N PHE A 41 -21.91 -6.16 6.76
CA PHE A 41 -21.68 -7.17 5.73
C PHE A 41 -23.05 -7.62 5.25
N PRO A 42 -23.36 -7.39 3.97
CA PRO A 42 -24.74 -7.57 3.53
C PRO A 42 -24.96 -8.60 2.41
N PRO A 43 -24.61 -9.87 2.64
CA PRO A 43 -24.76 -10.84 1.55
C PRO A 43 -26.22 -11.19 1.24
N GLU A 44 -26.52 -11.49 -0.02
CA GLU A 44 -27.80 -12.11 -0.36
C GLU A 44 -27.76 -13.55 0.09
N PRO A 45 -28.82 -14.02 0.76
CA PRO A 45 -28.76 -15.42 1.22
C PRO A 45 -29.12 -16.40 0.10
N ASN A 46 -28.28 -16.47 -0.94
CA ASN A 46 -28.59 -17.34 -2.08
C ASN A 46 -27.36 -18.08 -2.61
N GLY A 47 -26.32 -18.15 -1.81
CA GLY A 47 -25.11 -18.86 -2.18
C GLY A 47 -24.22 -18.98 -0.96
N TYR A 48 -23.29 -19.94 -1.00
CA TYR A 48 -22.31 -20.10 0.07
C TYR A 48 -21.15 -19.14 -0.15
N LEU A 49 -20.52 -18.71 0.94
CA LEU A 49 -19.43 -17.74 0.83
C LEU A 49 -18.16 -18.41 0.34
N HIS A 50 -17.33 -17.64 -0.35
CA HIS A 50 -16.04 -18.15 -0.78
C HIS A 50 -14.93 -17.25 -0.25
N ILE A 51 -13.70 -17.58 -0.62
CA ILE A 51 -12.53 -16.92 -0.04
C ILE A 51 -12.56 -15.41 -0.30
N GLY A 52 -13.14 -15.00 -1.44
CA GLY A 52 -13.27 -13.61 -1.76
C GLY A 52 -14.09 -12.87 -0.71
N HIS A 53 -15.12 -13.54 -0.17
CA HIS A 53 -15.95 -12.93 0.86
C HIS A 53 -15.21 -12.73 2.17
N ALA A 54 -14.17 -13.53 2.39
CA ALA A 54 -13.39 -13.38 3.61
C ALA A 54 -12.76 -11.99 3.65
N LYS A 55 -12.42 -11.43 2.49
CA LYS A 55 -11.81 -10.11 2.45
C LYS A 55 -12.82 -9.06 2.89
N SER A 56 -14.05 -9.22 2.43
CA SER A 56 -15.12 -8.30 2.80
CA SER A 56 -15.15 -8.32 2.80
C SER A 56 -15.48 -8.45 4.28
N ILE A 57 -15.48 -9.69 4.76
CA ILE A 57 -15.77 -9.95 6.19
C ILE A 57 -14.68 -9.36 7.07
N CYS A 58 -13.42 -9.66 6.78
CA CYS A 58 -12.31 -9.10 7.56
C CYS A 58 -12.30 -7.56 7.49
N LEU A 59 -12.70 -7.01 6.36
CA LEU A 59 -12.71 -5.56 6.22
C LEU A 59 -13.82 -4.94 7.08
N ASN A 60 -15.05 -5.41 6.90
CA ASN A 60 -16.18 -4.79 7.58
C ASN A 60 -16.19 -5.05 9.09
N PHE A 61 -16.01 -6.31 9.48
CA PHE A 61 -16.01 -6.62 10.92
C PHE A 61 -14.71 -6.17 11.56
N GLY A 62 -13.61 -6.25 10.80
CA GLY A 62 -12.31 -5.91 11.36
C GLY A 62 -12.18 -4.42 11.62
N LEU A 63 -12.74 -3.61 10.73
CA LEU A 63 -12.66 -2.17 10.89
C LEU A 63 -13.45 -1.81 12.15
N ALA A 64 -14.64 -2.38 12.30
CA ALA A 64 -15.46 -2.09 13.46
C ALA A 64 -14.76 -2.51 14.75
N GLN A 65 -14.10 -3.67 14.72
CA GLN A 65 -13.41 -4.15 15.91
C GLN A 65 -12.23 -3.25 16.26
N GLU A 66 -11.47 -2.85 15.25
CA GLU A 66 -10.27 -2.07 15.43
C GLU A 66 -10.56 -0.74 16.12
N PHE A 67 -11.71 -0.15 15.79
CA PHE A 67 -12.04 1.18 16.27
C PHE A 67 -13.20 1.17 17.26
N ALA A 68 -13.52 -0.01 17.77
CA ALA A 68 -14.55 -0.17 18.79
C ALA A 68 -15.91 0.36 18.32
N GLY A 69 -16.24 0.08 17.06
CA GLY A 69 -17.57 0.37 16.56
C GLY A 69 -18.38 -0.90 16.37
N ASP A 70 -19.38 -0.83 15.51
CA ASP A 70 -20.31 -1.94 15.29
C ASP A 70 -20.26 -2.38 13.83
N CYS A 71 -20.44 -3.68 13.58
CA CYS A 71 -20.65 -4.17 12.23
C CYS A 71 -21.91 -5.00 12.24
N HIS A 72 -22.87 -4.66 11.38
CA HIS A 72 -24.09 -5.43 11.31
C HIS A 72 -23.95 -6.59 10.34
N LEU A 73 -24.60 -7.71 10.64
CA LEU A 73 -24.83 -8.72 9.61
C LEU A 73 -26.19 -8.42 9.03
N ARG A 74 -26.24 -8.21 7.72
CA ARG A 74 -27.55 -7.99 7.08
C ARG A 74 -27.72 -8.95 5.92
N PHE A 75 -28.81 -9.69 5.91
CA PHE A 75 -29.10 -10.47 4.72
C PHE A 75 -29.90 -9.61 3.77
N ASP A 76 -29.38 -9.46 2.57
CA ASP A 76 -30.05 -8.70 1.54
C ASP A 76 -31.08 -9.62 0.89
N ASP A 77 -32.20 -9.82 1.59
CA ASP A 77 -33.16 -10.84 1.20
C ASP A 77 -34.40 -10.22 0.56
N THR A 78 -34.22 -9.25 -0.32
CA THR A 78 -35.37 -8.60 -0.92
C THR A 78 -36.06 -9.53 -1.91
N ASN A 79 -35.29 -10.41 -2.53
CA ASN A 79 -35.89 -11.34 -3.47
CA ASN A 79 -35.83 -11.39 -3.48
C ASN A 79 -36.62 -12.45 -2.71
N PRO A 80 -37.82 -12.78 -3.18
CA PRO A 80 -38.55 -13.91 -2.60
C PRO A 80 -37.97 -15.24 -3.11
N ALA A 81 -37.45 -16.06 -2.21
CA ALA A 81 -36.87 -17.35 -2.58
C ALA A 81 -37.18 -18.42 -1.53
N LYS A 82 -37.06 -19.69 -1.90
CA LYS A 82 -37.44 -20.78 -1.00
C LYS A 82 -36.31 -21.21 -0.05
N GLU A 83 -35.06 -21.13 -0.49
CA GLU A 83 -33.98 -21.78 0.26
C GLU A 83 -33.10 -20.84 1.09
N ASP A 84 -33.62 -19.67 1.43
CA ASP A 84 -32.86 -18.69 2.20
C ASP A 84 -32.21 -19.28 3.45
N GLN A 85 -32.93 -20.14 4.18
CA GLN A 85 -32.43 -20.49 5.52
C GLN A 85 -31.13 -21.28 5.47
N GLU A 86 -31.04 -22.19 4.51
CA GLU A 86 -29.80 -22.93 4.29
CA GLU A 86 -29.81 -22.93 4.23
C GLU A 86 -28.60 -22.00 4.17
N TYR A 87 -28.76 -20.92 3.40
CA TYR A 87 -27.66 -19.99 3.18
C TYR A 87 -27.44 -19.05 4.35
N ILE A 88 -28.52 -18.63 4.99
CA ILE A 88 -28.39 -17.83 6.22
C ILE A 88 -27.55 -18.59 7.26
N ASP A 89 -27.91 -19.84 7.51
CA ASP A 89 -27.22 -20.65 8.50
C ASP A 89 -25.73 -20.82 8.15
N ALA A 90 -25.43 -21.09 6.88
CA ALA A 90 -24.05 -21.32 6.44
C ALA A 90 -23.22 -20.04 6.55
N ILE A 91 -23.84 -18.93 6.18
CA ILE A 91 -23.15 -17.63 6.18
C ILE A 91 -22.83 -17.25 7.63
N GLU A 92 -23.78 -17.44 8.55
CA GLU A 92 -23.53 -17.13 9.96
C GLU A 92 -22.41 -17.98 10.50
N ALA A 93 -22.41 -19.26 10.13
CA ALA A 93 -21.36 -20.19 10.60
C ALA A 93 -19.95 -19.81 10.12
N ASP A 94 -19.84 -19.35 8.87
CA ASP A 94 -18.56 -18.91 8.30
C ASP A 94 -18.01 -17.69 9.04
N ILE A 95 -18.88 -16.73 9.31
CA ILE A 95 -18.50 -15.50 9.99
C ILE A 95 -18.03 -15.80 11.42
N LYS A 96 -18.79 -16.65 12.13
CA LYS A 96 -18.41 -17.05 13.49
C LYS A 96 -17.13 -17.84 13.46
N TRP A 97 -16.96 -18.70 12.45
CA TRP A 97 -15.74 -19.48 12.36
C TRP A 97 -14.51 -18.57 12.17
N LEU A 98 -14.66 -17.52 11.38
CA LEU A 98 -13.57 -16.56 11.18
C LEU A 98 -13.30 -15.75 12.45
N GLY A 99 -14.21 -15.83 13.42
CA GLY A 99 -13.99 -15.27 14.74
C GLY A 99 -14.64 -13.93 15.00
N PHE A 100 -15.58 -13.54 14.13
CA PHE A 100 -16.20 -12.23 14.27
C PHE A 100 -17.60 -12.36 14.85
N GLN A 101 -18.13 -11.25 15.35
CA GLN A 101 -19.46 -11.22 15.94
C GLN A 101 -20.14 -9.95 15.47
N TRP A 102 -21.33 -10.08 14.87
CA TRP A 102 -22.10 -8.90 14.48
C TRP A 102 -22.71 -8.25 15.70
N SER A 103 -22.88 -6.93 15.64
CA SER A 103 -23.50 -6.17 16.71
C SER A 103 -25.02 -6.32 16.65
N GLY A 104 -25.65 -6.45 17.82
CA GLY A 104 -27.11 -6.52 17.87
C GLY A 104 -27.71 -7.71 17.15
N GLU A 105 -28.95 -7.56 16.71
CA GLU A 105 -29.65 -8.64 16.01
C GLU A 105 -29.20 -8.74 14.56
N VAL A 106 -29.32 -9.94 13.99
CA VAL A 106 -29.13 -10.11 12.56
C VAL A 106 -30.13 -9.18 11.89
N CYS A 107 -29.70 -8.49 10.82
CA CYS A 107 -30.62 -7.63 10.05
C CYS A 107 -31.10 -8.30 8.77
N TYR A 108 -32.30 -7.94 8.33
CA TYR A 108 -32.86 -8.45 7.06
C TYR A 108 -33.42 -7.27 6.28
N ALA A 109 -33.07 -7.15 5.01
CA ALA A 109 -33.60 -6.08 4.18
C ALA A 109 -35.13 -6.16 4.14
N SER A 110 -35.67 -7.37 4.24
CA SER A 110 -37.13 -7.53 4.20
C SER A 110 -37.83 -6.92 5.42
N ASN A 111 -37.07 -6.72 6.49
CA ASN A 111 -37.63 -6.02 7.65
C ASN A 111 -38.02 -4.58 7.31
N TYR A 112 -37.45 -4.06 6.23
CA TYR A 112 -37.66 -2.65 5.86
C TYR A 112 -38.71 -2.45 4.76
N PHE A 113 -39.40 -3.51 4.35
CA PHE A 113 -40.36 -3.40 3.24
C PHE A 113 -41.42 -2.31 3.46
N ASP A 114 -41.95 -2.21 4.67
CA ASP A 114 -42.97 -1.18 4.94
C ASP A 114 -42.40 0.22 4.73
N GLN A 115 -41.23 0.48 5.30
CA GLN A 115 -40.59 1.79 5.19
C GLN A 115 -40.18 2.11 3.76
N LEU A 116 -39.64 1.13 3.06
CA LEU A 116 -39.28 1.29 1.66
C LEU A 116 -40.50 1.68 0.83
N HIS A 117 -41.62 0.99 1.07
CA HIS A 117 -42.82 1.30 0.31
C HIS A 117 -43.30 2.71 0.65
N ALA A 118 -43.21 3.08 1.92
CA ALA A 118 -43.61 4.42 2.36
C ALA A 118 -42.79 5.49 1.64
N TRP A 119 -41.49 5.26 1.53
CA TRP A 119 -40.58 6.23 0.91
C TRP A 119 -40.80 6.30 -0.61
N ALA A 120 -41.20 5.19 -1.20
CA ALA A 120 -41.52 5.17 -2.61
C ALA A 120 -42.76 6.03 -2.87
N VAL A 121 -43.73 5.95 -1.98
CA VAL A 121 -44.93 6.78 -2.12
C VAL A 121 -44.54 8.26 -1.98
N GLU A 122 -43.59 8.56 -1.10
CA GLU A 122 -43.13 9.94 -0.97
C GLU A 122 -42.50 10.44 -2.27
N LEU A 123 -41.71 9.61 -2.95
CA LEU A 123 -41.13 10.01 -4.23
C LEU A 123 -42.20 10.28 -5.28
N ILE A 124 -43.22 9.42 -5.33
CA ILE A 124 -44.33 9.64 -6.26
C ILE A 124 -44.97 10.99 -5.97
N LYS A 125 -45.24 11.25 -4.68
CA LYS A 125 -45.94 12.46 -4.30
C LYS A 125 -45.14 13.72 -4.63
N ALA A 126 -43.81 13.60 -4.62
CA ALA A 126 -42.91 14.71 -4.95
C ALA A 126 -42.63 14.81 -6.45
N GLY A 127 -43.31 13.98 -7.24
CA GLY A 127 -43.10 13.93 -8.68
C GLY A 127 -41.75 13.36 -9.09
N LYS A 128 -41.18 12.49 -8.27
CA LYS A 128 -39.84 11.96 -8.51
C LYS A 128 -39.86 10.44 -8.75
N ALA A 129 -41.05 9.92 -9.02
CA ALA A 129 -41.20 8.54 -9.43
C ALA A 129 -42.50 8.39 -10.22
N PHE A 130 -42.57 7.37 -11.06
CA PHE A 130 -43.75 7.17 -11.89
C PHE A 130 -43.93 5.69 -12.19
N VAL A 131 -45.16 5.31 -12.53
CA VAL A 131 -45.47 3.95 -12.93
C VAL A 131 -45.31 3.85 -14.44
N CYS A 132 -44.52 2.86 -14.87
CA CYS A 132 -44.21 2.65 -16.28
C CYS A 132 -44.76 1.31 -16.75
N ASP A 133 -45.43 1.30 -17.90
CA ASP A 133 -46.07 0.06 -18.37
C ASP A 133 -45.27 -0.65 -19.48
N LEU A 134 -44.11 -0.09 -19.85
CA LEU A 134 -43.32 -0.64 -20.95
C LEU A 134 -42.92 -2.10 -20.70
N GLY A 135 -43.09 -2.94 -21.73
CA GLY A 135 -42.59 -4.29 -21.72
C GLY A 135 -41.07 -4.30 -21.81
N PRO A 136 -40.43 -5.46 -21.57
CA PRO A 136 -38.97 -5.51 -21.48
C PRO A 136 -38.26 -5.07 -22.75
N GLU A 137 -38.81 -5.44 -23.91
CA GLU A 137 -38.22 -5.08 -25.19
C GLU A 137 -38.15 -3.56 -25.34
N GLU A 138 -39.26 -2.88 -25.08
CA GLU A 138 -39.28 -1.42 -25.16
C GLU A 138 -38.44 -0.80 -24.05
N MET A 139 -38.51 -1.40 -22.86
CA MET A 139 -37.75 -0.90 -21.71
CA MET A 139 -37.75 -0.93 -21.70
C MET A 139 -36.25 -0.86 -22.01
N ARG A 140 -35.76 -1.90 -22.69
CA ARG A 140 -34.35 -2.00 -23.03
C ARG A 140 -34.00 -1.03 -24.16
N GLU A 141 -34.88 -0.96 -25.15
CA GLU A 141 -34.68 -0.08 -26.29
C GLU A 141 -34.66 1.40 -25.87
N TYR A 142 -35.57 1.77 -24.98
CA TYR A 142 -35.65 3.14 -24.47
C TYR A 142 -34.46 3.48 -23.56
N ARG A 143 -33.83 2.47 -22.97
CA ARG A 143 -32.72 2.69 -22.04
C ARG A 143 -31.50 3.33 -22.70
N GLY A 144 -31.22 2.96 -23.95
CA GLY A 144 -30.05 3.47 -24.65
C GLY A 144 -28.76 2.84 -24.17
N THR A 145 -27.64 3.51 -24.45
CA THR A 145 -26.31 2.99 -24.11
C THR A 145 -25.44 4.10 -23.53
N LEU A 146 -24.26 3.74 -23.05
CA LEU A 146 -23.31 4.70 -22.49
C LEU A 146 -23.01 5.84 -23.46
N THR A 147 -23.06 5.54 -24.76
CA THR A 147 -22.79 6.54 -25.77
C THR A 147 -24.07 7.12 -26.38
N GLU A 148 -25.14 6.32 -26.41
CA GLU A 148 -26.40 6.75 -26.99
C GLU A 148 -27.45 7.01 -25.90
N PRO A 149 -27.83 8.29 -25.71
CA PRO A 149 -28.79 8.72 -24.68
C PRO A 149 -30.14 8.01 -24.78
N GLY A 150 -30.77 7.76 -23.64
CA GLY A 150 -32.04 7.06 -23.62
C GLY A 150 -33.22 7.94 -23.96
N ARG A 151 -34.42 7.38 -23.87
CA ARG A 151 -35.64 8.12 -24.18
C ARG A 151 -36.64 8.02 -23.03
N ASN A 152 -37.35 9.11 -22.78
CA ASN A 152 -38.39 9.12 -21.75
C ASN A 152 -39.47 8.10 -22.04
N SER A 153 -39.85 7.36 -21.01
CA SER A 153 -41.00 6.47 -21.10
C SER A 153 -42.22 7.26 -21.53
N PRO A 154 -43.10 6.66 -22.35
CA PRO A 154 -44.34 7.35 -22.71
C PRO A 154 -45.24 7.59 -21.49
N TYR A 155 -44.92 6.96 -20.35
CA TYR A 155 -45.72 7.09 -19.14
C TYR A 155 -45.12 8.04 -18.12
N ARG A 156 -44.01 8.68 -18.49
CA ARG A 156 -43.21 9.48 -17.57
C ARG A 156 -43.95 10.68 -17.01
N ASP A 157 -44.94 11.17 -17.75
CA ASP A 157 -45.67 12.38 -17.33
C ASP A 157 -47.02 12.07 -16.70
N ARG A 158 -47.24 10.84 -16.27
CA ARG A 158 -48.45 10.51 -15.53
C ARG A 158 -48.61 11.43 -14.33
N SER A 159 -49.86 11.69 -13.96
CA SER A 159 -50.14 12.57 -12.83
C SER A 159 -49.75 11.88 -11.53
N VAL A 160 -49.55 12.67 -10.49
CA VAL A 160 -49.25 12.13 -9.17
C VAL A 160 -50.40 11.21 -8.77
N GLU A 161 -51.62 11.69 -9.01
CA GLU A 161 -52.82 10.94 -8.70
C GLU A 161 -52.84 9.58 -9.44
N GLU A 162 -52.51 9.58 -10.72
CA GLU A 162 -52.52 8.34 -11.49
C GLU A 162 -51.41 7.39 -11.01
N ASN A 163 -50.23 7.95 -10.76
CA ASN A 163 -49.12 7.13 -10.26
C ASN A 163 -49.45 6.50 -8.92
N LEU A 164 -50.03 7.28 -8.01
CA LEU A 164 -50.41 6.77 -6.70
C LEU A 164 -51.44 5.63 -6.80
N ASP A 165 -52.47 5.85 -7.62
CA ASP A 165 -53.50 4.84 -7.83
C ASP A 165 -52.94 3.54 -8.43
N LEU A 166 -52.13 3.66 -9.48
CA LEU A 166 -51.57 2.47 -10.11
C LEU A 166 -50.63 1.71 -9.17
N PHE A 167 -49.81 2.43 -8.43
CA PHE A 167 -48.84 1.81 -7.51
C PHE A 167 -49.59 1.09 -6.39
N ALA A 168 -50.64 1.71 -5.88
CA ALA A 168 -51.48 1.09 -4.86
C ALA A 168 -52.12 -0.18 -5.41
N ARG A 169 -52.55 -0.14 -6.67
CA ARG A 169 -53.17 -1.30 -7.29
C ARG A 169 -52.12 -2.38 -7.57
N MET A 170 -50.88 -1.99 -7.88
CA MET A 170 -49.79 -2.97 -8.00
C MET A 170 -49.61 -3.67 -6.67
N LYS A 171 -49.49 -2.89 -5.59
CA LYS A 171 -49.29 -3.45 -4.26
C LYS A 171 -50.44 -4.37 -3.87
N ALA A 172 -51.65 -4.03 -4.28
CA ALA A 172 -52.84 -4.81 -3.91
C ALA A 172 -52.96 -6.12 -4.72
N GLY A 173 -52.08 -6.30 -5.69
CA GLY A 173 -52.03 -7.56 -6.42
C GLY A 173 -52.94 -7.63 -7.63
N GLU A 174 -53.38 -6.48 -8.11
CA GLU A 174 -54.31 -6.45 -9.25
C GLU A 174 -53.70 -6.97 -10.56
N PHE A 175 -52.40 -6.77 -10.75
CA PHE A 175 -51.77 -7.02 -12.06
C PHE A 175 -50.80 -8.20 -12.05
N PRO A 176 -50.67 -8.89 -13.19
CA PRO A 176 -49.75 -10.03 -13.29
C PRO A 176 -48.27 -9.64 -13.24
N ASP A 177 -47.40 -10.63 -12.99
CA ASP A 177 -45.94 -10.41 -12.97
C ASP A 177 -45.50 -9.60 -14.19
N GLY A 178 -44.67 -8.57 -13.97
CA GLY A 178 -44.07 -7.83 -15.07
C GLY A 178 -44.93 -6.79 -15.79
N ALA A 179 -46.20 -6.67 -15.39
CA ALA A 179 -47.14 -5.83 -16.12
C ALA A 179 -46.75 -4.34 -16.08
N ARG A 180 -46.18 -3.92 -14.97
CA ARG A 180 -45.71 -2.55 -14.84
C ARG A 180 -44.75 -2.47 -13.67
N SER A 181 -44.04 -1.36 -13.60
CA SER A 181 -43.04 -1.17 -12.56
C SER A 181 -43.11 0.27 -12.07
N LEU A 182 -42.53 0.52 -10.90
CA LEU A 182 -42.33 1.88 -10.43
C LEU A 182 -40.89 2.27 -10.75
N ARG A 183 -40.69 3.45 -11.33
CA ARG A 183 -39.36 3.92 -11.68
C ARG A 183 -39.10 5.28 -11.05
N ALA A 184 -37.86 5.51 -10.65
CA ALA A 184 -37.45 6.85 -10.25
C ALA A 184 -37.50 7.75 -11.48
N LYS A 185 -37.80 9.03 -11.28
CA LYS A 185 -37.80 9.96 -12.39
C LYS A 185 -36.54 10.83 -12.29
N ILE A 186 -35.50 10.44 -13.03
CA ILE A 186 -34.23 11.15 -12.91
C ILE A 186 -33.81 11.75 -14.25
N ASP A 187 -33.02 11.04 -15.05
CA ASP A 187 -32.53 11.62 -16.31
C ASP A 187 -32.14 10.55 -17.34
N MET A 188 -33.00 10.36 -18.34
CA MET A 188 -32.75 9.36 -19.38
C MET A 188 -31.54 9.72 -20.25
N GLY A 189 -31.11 10.96 -20.17
CA GLY A 189 -29.92 11.41 -20.91
C GLY A 189 -28.63 11.37 -20.10
N SER A 190 -28.70 10.94 -18.85
CA SER A 190 -27.51 10.91 -17.98
C SER A 190 -26.42 10.02 -18.57
N PRO A 191 -25.15 10.46 -18.45
CA PRO A 191 -24.05 9.59 -18.87
C PRO A 191 -23.94 8.37 -17.97
N ASN A 192 -24.54 8.45 -16.78
CA ASN A 192 -24.61 7.31 -15.87
C ASN A 192 -25.89 6.52 -16.10
N MET A 193 -25.75 5.27 -16.50
CA MET A 193 -26.89 4.42 -16.83
C MET A 193 -27.85 4.23 -15.65
N ASN A 194 -27.33 4.26 -14.43
CA ASN A 194 -28.15 4.02 -13.24
C ASN A 194 -29.06 5.21 -12.93
N LEU A 195 -28.80 6.35 -13.56
CA LEU A 195 -29.65 7.51 -13.33
C LEU A 195 -30.75 7.60 -14.39
N ARG A 196 -30.79 6.63 -15.30
CA ARG A 196 -31.79 6.66 -16.37
C ARG A 196 -33.09 5.99 -15.91
N ASP A 197 -33.83 6.72 -15.10
CA ASP A 197 -35.10 6.27 -14.50
C ASP A 197 -35.06 4.81 -14.07
N PRO A 198 -34.25 4.50 -13.05
CA PRO A 198 -34.10 3.11 -12.63
C PRO A 198 -35.37 2.55 -12.00
N ILE A 199 -35.60 1.27 -12.22
CA ILE A 199 -36.71 0.57 -11.58
C ILE A 199 -36.56 0.57 -10.06
N LEU A 200 -37.66 0.85 -9.37
CA LEU A 200 -37.72 0.78 -7.92
C LEU A 200 -38.47 -0.44 -7.44
N TYR A 201 -39.60 -0.76 -8.10
CA TYR A 201 -40.39 -1.94 -7.75
C TYR A 201 -40.83 -2.72 -8.98
N ARG A 202 -40.82 -4.05 -8.85
CA ARG A 202 -41.38 -4.95 -9.85
C ARG A 202 -42.50 -5.78 -9.23
N ILE A 203 -43.41 -6.27 -10.05
CA ILE A 203 -44.48 -7.13 -9.57
C ILE A 203 -44.00 -8.56 -9.65
N ARG A 204 -44.11 -9.29 -8.55
CA ARG A 204 -43.82 -10.69 -8.59
C ARG A 204 -44.63 -11.38 -7.51
N HIS A 205 -45.60 -12.18 -7.93
CA HIS A 205 -46.42 -12.96 -7.04
C HIS A 205 -45.63 -14.22 -6.58
N ALA A 206 -44.94 -14.10 -5.46
CA ALA A 206 -44.05 -15.18 -5.01
C ALA A 206 -43.91 -15.14 -3.49
N HIS A 207 -43.85 -16.32 -2.90
CA HIS A 207 -43.71 -16.50 -1.46
C HIS A 207 -42.30 -16.12 -1.01
N HIS A 208 -42.23 -15.23 -0.04
CA HIS A 208 -40.95 -14.75 0.49
C HIS A 208 -40.62 -15.52 1.75
N HIS A 209 -39.33 -15.82 1.95
CA HIS A 209 -38.95 -16.64 3.12
C HIS A 209 -39.31 -15.97 4.46
N GLN A 210 -39.22 -14.65 4.53
CA GLN A 210 -39.54 -13.95 5.78
C GLN A 210 -40.98 -13.42 5.83
N THR A 211 -41.45 -12.83 4.74
CA THR A 211 -42.73 -12.12 4.79
C THR A 211 -43.85 -12.92 4.11
N GLY A 212 -43.53 -14.13 3.67
CA GLY A 212 -44.53 -15.01 3.09
C GLY A 212 -45.24 -14.42 1.88
N ASP A 213 -46.57 -14.43 1.92
CA ASP A 213 -47.38 -13.99 0.80
C ASP A 213 -47.84 -12.53 0.94
N LYS A 214 -47.33 -11.85 1.95
CA LYS A 214 -47.72 -10.47 2.22
C LYS A 214 -47.47 -9.52 1.05
N TRP A 215 -46.34 -9.67 0.36
CA TRP A 215 -45.99 -8.73 -0.71
C TRP A 215 -46.02 -9.36 -2.09
N CYS A 216 -46.56 -8.62 -3.06
CA CYS A 216 -46.35 -9.02 -4.46
C CYS A 216 -45.63 -7.93 -5.25
N ILE A 217 -45.17 -6.87 -4.57
CA ILE A 217 -44.18 -6.00 -5.20
C ILE A 217 -42.89 -6.08 -4.37
N TYR A 218 -41.76 -6.12 -5.06
CA TYR A 218 -40.48 -6.22 -4.40
C TYR A 218 -39.53 -5.13 -4.92
N PRO A 219 -38.72 -4.56 -4.02
CA PRO A 219 -37.85 -3.42 -4.37
C PRO A 219 -36.56 -3.83 -5.08
N SER A 220 -35.98 -2.92 -5.85
CA SER A 220 -34.75 -3.22 -6.57
C SER A 220 -33.54 -3.18 -5.63
N TYR A 221 -32.41 -3.69 -6.10
CA TYR A 221 -31.16 -3.62 -5.33
C TYR A 221 -30.84 -2.18 -4.92
N ASP A 222 -30.94 -1.27 -5.87
CA ASP A 222 -30.56 0.12 -5.60
C ASP A 222 -31.53 0.83 -4.69
N PHE A 223 -32.83 0.52 -4.82
CA PHE A 223 -33.78 1.17 -3.93
C PHE A 223 -33.63 0.66 -2.50
N THR A 224 -33.17 -0.57 -2.33
CA THR A 224 -33.02 -1.13 -0.99
CA THR A 224 -33.01 -1.17 -1.01
C THR A 224 -31.70 -0.78 -0.33
N HIS A 225 -30.63 -0.75 -1.12
CA HIS A 225 -29.24 -0.70 -0.62
C HIS A 225 -28.94 0.46 0.35
N GLY A 226 -28.89 1.67 -0.16
CA GLY A 226 -28.60 2.81 0.70
C GLY A 226 -29.69 3.11 1.71
N GLN A 227 -30.93 2.75 1.40
CA GLN A 227 -32.03 3.01 2.32
C GLN A 227 -31.92 2.10 3.53
N SER A 228 -31.58 0.84 3.30
CA SER A 228 -31.25 -0.09 4.37
C SER A 228 -30.12 0.46 5.25
N ASP A 229 -29.10 0.99 4.60
CA ASP A 229 -27.97 1.58 5.32
C ASP A 229 -28.42 2.72 6.23
N ALA A 230 -29.27 3.61 5.71
CA ALA A 230 -29.77 4.74 6.50
C ALA A 230 -30.60 4.28 7.70
N ILE A 231 -31.53 3.36 7.45
CA ILE A 231 -32.35 2.82 8.53
C ILE A 231 -31.46 2.27 9.65
N GLU A 232 -30.38 1.58 9.30
CA GLU A 232 -29.48 0.96 10.30
C GLU A 232 -28.48 1.90 10.91
N GLY A 233 -28.43 3.13 10.40
CA GLY A 233 -27.46 4.09 10.89
C GLY A 233 -26.03 3.74 10.52
N ILE A 234 -25.87 3.09 9.36
CA ILE A 234 -24.55 2.77 8.83
C ILE A 234 -23.77 4.07 8.60
N THR A 235 -22.48 4.08 8.92
CA THR A 235 -21.67 5.27 8.69
C THR A 235 -20.82 5.11 7.43
N HIS A 236 -20.23 3.93 7.29
CA HIS A 236 -19.40 3.58 6.14
C HIS A 236 -19.94 2.35 5.43
N SER A 237 -20.50 2.55 4.25
CA SER A 237 -21.09 1.47 3.45
C SER A 237 -20.07 0.97 2.47
N ILE A 238 -19.54 -0.23 2.70
CA ILE A 238 -18.40 -0.69 1.94
C ILE A 238 -18.84 -1.76 0.95
N CYS A 239 -18.52 -1.53 -0.32
CA CYS A 239 -18.83 -2.46 -1.39
C CYS A 239 -17.66 -2.56 -2.36
N THR A 240 -17.75 -3.42 -3.37
CA THR A 240 -16.66 -3.59 -4.31
C THR A 240 -16.77 -2.57 -5.43
N LEU A 241 -15.71 -2.49 -6.25
CA LEU A 241 -15.62 -1.53 -7.34
C LEU A 241 -16.73 -1.73 -8.36
N GLU A 242 -17.26 -2.96 -8.41
CA GLU A 242 -18.35 -3.30 -9.31
C GLU A 242 -19.53 -2.33 -9.14
N PHE A 243 -19.65 -1.72 -7.97
CA PHE A 243 -20.79 -0.86 -7.69
C PHE A 243 -20.43 0.61 -7.57
N GLU A 244 -19.22 0.95 -8.00
CA GLU A 244 -18.77 2.33 -7.97
C GLU A 244 -19.72 3.23 -8.79
N ASP A 245 -20.12 2.78 -9.98
CA ASP A 245 -20.92 3.68 -10.82
C ASP A 245 -22.36 3.75 -10.34
N HIS A 246 -22.66 3.02 -9.26
CA HIS A 246 -23.96 3.11 -8.60
C HIS A 246 -23.99 4.25 -7.56
N ARG A 247 -22.84 4.77 -7.19
CA ARG A 247 -22.79 5.74 -6.10
C ARG A 247 -23.67 6.99 -6.36
N PRO A 248 -23.65 7.54 -7.58
CA PRO A 248 -24.55 8.69 -7.82
C PRO A 248 -26.02 8.38 -7.53
N LEU A 249 -26.46 7.16 -7.80
CA LEU A 249 -27.85 6.78 -7.52
C LEU A 249 -28.06 6.56 -6.03
N TYR A 250 -27.11 5.87 -5.40
CA TYR A 250 -27.05 5.74 -3.94
C TYR A 250 -27.26 7.10 -3.30
N GLU A 251 -26.51 8.09 -3.78
CA GLU A 251 -26.59 9.44 -3.22
C GLU A 251 -27.87 10.19 -3.58
N TRP A 252 -28.37 9.97 -4.79
CA TRP A 252 -29.65 10.55 -5.21
C TRP A 252 -30.78 10.16 -4.27
N PHE A 253 -30.87 8.89 -3.88
CA PHE A 253 -31.96 8.49 -3.00
C PHE A 253 -31.85 9.22 -1.65
N LEU A 254 -30.64 9.29 -1.11
CA LEU A 254 -30.43 9.90 0.21
C LEU A 254 -30.77 11.39 0.19
N ALA A 255 -30.61 12.02 -0.96
CA ALA A 255 -30.85 13.44 -1.09
C ALA A 255 -32.32 13.74 -1.37
N ASN A 256 -33.08 12.72 -1.77
CA ASN A 256 -34.48 12.93 -2.15
C ASN A 256 -35.48 12.15 -1.30
N LEU A 257 -35.01 11.61 -0.18
CA LEU A 257 -35.87 10.90 0.75
C LEU A 257 -35.65 11.43 2.14
N PRO A 258 -36.70 11.42 2.98
CA PRO A 258 -36.50 11.85 4.37
C PRO A 258 -35.85 10.75 5.22
N VAL A 259 -34.63 10.35 4.85
CA VAL A 259 -33.91 9.29 5.54
C VAL A 259 -33.36 9.79 6.88
N PRO A 260 -33.23 8.90 7.87
CA PRO A 260 -32.79 9.29 9.21
C PRO A 260 -31.27 9.46 9.34
N ALA A 261 -30.52 9.02 8.35
CA ALA A 261 -29.06 9.11 8.41
C ALA A 261 -28.49 9.29 7.01
N GLN A 262 -27.22 9.64 6.92
CA GLN A 262 -26.57 9.82 5.63
C GLN A 262 -25.32 8.95 5.50
N PRO A 263 -25.51 7.62 5.41
CA PRO A 263 -24.36 6.74 5.21
C PRO A 263 -23.58 7.13 3.97
N ARG A 264 -22.28 6.85 3.99
CA ARG A 264 -21.46 7.13 2.82
C ARG A 264 -20.89 5.84 2.24
N GLN A 265 -20.98 5.70 0.93
CA GLN A 265 -20.46 4.51 0.26
C GLN A 265 -18.97 4.63 -0.11
N TYR A 266 -18.19 3.61 0.22
CA TYR A 266 -16.80 3.49 -0.22
C TYR A 266 -16.61 2.19 -0.97
N GLU A 267 -15.80 2.20 -2.01
CA GLU A 267 -15.62 0.99 -2.81
C GLU A 267 -14.17 0.50 -2.76
N PHE A 268 -13.98 -0.81 -2.64
CA PHE A 268 -12.65 -1.40 -2.64
C PHE A 268 -12.56 -2.47 -3.72
N SER A 269 -11.34 -2.80 -4.14
CA SER A 269 -11.15 -3.82 -5.17
C SER A 269 -11.35 -5.20 -4.58
N ARG A 270 -12.15 -6.01 -5.25
CA ARG A 270 -12.43 -7.36 -4.77
C ARG A 270 -11.17 -8.23 -4.78
N LEU A 271 -11.17 -9.30 -3.99
CA LEU A 271 -10.06 -10.26 -4.03
C LEU A 271 -10.13 -11.02 -5.34
N ASN A 272 -9.07 -10.92 -6.13
CA ASN A 272 -8.94 -11.72 -7.34
C ASN A 272 -7.73 -12.63 -7.19
N LEU A 273 -7.94 -13.82 -6.62
CA LEU A 273 -6.89 -14.83 -6.46
C LEU A 273 -6.68 -15.59 -7.77
N ASN A 274 -5.44 -15.92 -8.11
CA ASN A 274 -5.25 -16.75 -9.30
C ASN A 274 -5.49 -18.21 -8.91
N TYR A 275 -5.43 -19.11 -9.90
CA TYR A 275 -5.72 -20.54 -9.70
C TYR A 275 -7.08 -20.81 -9.09
N THR A 276 -7.97 -19.84 -9.18
CA THR A 276 -9.20 -19.88 -8.41
C THR A 276 -10.41 -19.55 -9.26
N VAL A 277 -11.50 -20.27 -9.00
CA VAL A 277 -12.81 -19.98 -9.55
C VAL A 277 -13.72 -19.67 -8.37
N THR A 278 -14.46 -18.56 -8.43
CA THR A 278 -15.35 -18.19 -7.34
C THR A 278 -16.77 -17.93 -7.84
N SER A 279 -16.89 -17.83 -9.16
CA SER A 279 -18.17 -17.63 -9.84
C SER A 279 -19.23 -18.68 -9.48
N LYS A 280 -20.41 -18.23 -9.07
CA LYS A 280 -21.50 -19.11 -8.65
C LYS A 280 -21.86 -20.20 -9.66
N ARG A 281 -21.86 -19.86 -10.95
CA ARG A 281 -22.25 -20.79 -12.00
CA ARG A 281 -22.23 -20.78 -12.02
CA ARG A 281 -22.28 -20.84 -11.95
C ARG A 281 -21.21 -21.89 -12.23
N LYS A 282 -19.93 -21.51 -12.17
CA LYS A 282 -18.89 -22.51 -12.41
C LYS A 282 -18.69 -23.39 -11.17
N LEU A 283 -18.85 -22.81 -9.98
CA LEU A 283 -18.78 -23.60 -8.76
C LEU A 283 -19.87 -24.65 -8.75
N LYS A 284 -21.07 -24.26 -9.17
CA LYS A 284 -22.21 -25.17 -9.24
C LYS A 284 -21.95 -26.34 -10.17
N GLN A 285 -21.33 -26.07 -11.31
CA GLN A 285 -21.04 -27.11 -12.28
C GLN A 285 -19.99 -28.08 -11.72
N LEU A 286 -19.01 -27.55 -11.00
CA LEU A 286 -17.99 -28.39 -10.37
C LEU A 286 -18.64 -29.38 -9.41
N VAL A 287 -19.60 -28.89 -8.64
CA VAL A 287 -20.32 -29.69 -7.68
C VAL A 287 -21.32 -30.62 -8.35
N ASP A 288 -22.20 -30.05 -9.16
CA ASP A 288 -23.28 -30.83 -9.77
C ASP A 288 -22.78 -31.93 -10.70
N GLU A 289 -21.58 -31.76 -11.27
CA GLU A 289 -21.06 -32.78 -12.18
C GLU A 289 -20.04 -33.73 -11.53
N GLY A 290 -19.87 -33.62 -10.23
CA GLY A 290 -18.98 -34.52 -9.53
C GLY A 290 -17.49 -34.28 -9.65
N HIS A 291 -17.08 -33.10 -10.11
CA HIS A 291 -15.65 -32.78 -10.12
C HIS A 291 -15.10 -32.63 -8.70
N VAL A 292 -15.98 -32.26 -7.77
CA VAL A 292 -15.61 -32.25 -6.35
C VAL A 292 -16.69 -32.98 -5.57
N SER A 293 -16.45 -33.21 -4.28
CA SER A 293 -17.38 -34.01 -3.48
C SER A 293 -18.63 -33.24 -3.06
N GLY A 294 -18.54 -31.92 -3.09
CA GLY A 294 -19.62 -31.10 -2.57
C GLY A 294 -19.10 -29.71 -2.38
N TRP A 295 -19.94 -28.84 -1.84
CA TRP A 295 -19.55 -27.45 -1.71
C TRP A 295 -18.40 -27.26 -0.70
N ASP A 296 -18.24 -28.21 0.21
CA ASP A 296 -17.20 -28.15 1.24
C ASP A 296 -16.03 -29.08 0.97
N ASP A 297 -15.91 -29.54 -0.27
CA ASP A 297 -14.71 -30.26 -0.68
C ASP A 297 -13.47 -29.41 -0.36
N PRO A 298 -12.42 -30.03 0.25
CA PRO A 298 -11.21 -29.29 0.63
C PRO A 298 -10.49 -28.60 -0.54
N ARG A 299 -10.87 -28.91 -1.78
CA ARG A 299 -10.30 -28.22 -2.94
C ARG A 299 -11.12 -27.01 -3.37
N MET A 300 -12.32 -26.88 -2.82
CA MET A 300 -13.23 -25.78 -3.20
C MET A 300 -12.79 -24.51 -2.51
N SER A 301 -13.05 -23.38 -3.17
CA SER A 301 -12.69 -22.06 -2.66
C SER A 301 -13.76 -21.49 -1.72
N THR A 302 -14.72 -22.31 -1.35
CA THR A 302 -15.66 -21.95 -0.31
C THR A 302 -14.96 -21.80 1.03
N LEU A 303 -15.54 -21.01 1.93
CA LEU A 303 -15.00 -20.91 3.28
C LEU A 303 -15.17 -22.26 4.01
N SER A 304 -16.28 -22.94 3.74
CA SER A 304 -16.48 -24.30 4.26
C SER A 304 -15.39 -25.24 3.74
N GLY A 305 -15.07 -25.12 2.45
CA GLY A 305 -13.99 -25.93 1.89
C GLY A 305 -12.63 -25.61 2.51
N TYR A 306 -12.37 -24.32 2.71
CA TYR A 306 -11.09 -23.90 3.29
C TYR A 306 -10.95 -24.43 4.72
N ARG A 307 -12.02 -24.37 5.48
CA ARG A 307 -12.03 -24.90 6.83
C ARG A 307 -11.77 -26.41 6.85
N ARG A 308 -12.49 -27.13 6.00
CA ARG A 308 -12.35 -28.58 5.97
C ARG A 308 -10.96 -28.99 5.49
N ARG A 309 -10.40 -28.17 4.62
CA ARG A 309 -9.01 -28.34 4.19
C ARG A 309 -8.02 -28.26 5.35
N GLY A 310 -8.38 -27.53 6.40
CA GLY A 310 -7.49 -27.35 7.53
C GLY A 310 -6.96 -25.93 7.72
N TYR A 311 -7.30 -25.01 6.83
CA TYR A 311 -6.92 -23.62 7.03
C TYR A 311 -7.49 -23.16 8.38
N THR A 312 -6.76 -22.26 9.05
CA THR A 312 -7.21 -21.73 10.33
C THR A 312 -7.83 -20.36 10.12
N PRO A 313 -8.73 -19.95 11.04
CA PRO A 313 -9.26 -18.59 10.90
C PRO A 313 -8.11 -17.55 10.92
N GLU A 314 -7.11 -17.79 11.76
CA GLU A 314 -5.92 -16.92 11.83
C GLU A 314 -5.23 -16.75 10.48
N SER A 315 -5.05 -17.86 9.77
CA SER A 315 -4.33 -17.80 8.49
C SER A 315 -5.10 -16.95 7.48
N ILE A 316 -6.42 -17.00 7.54
CA ILE A 316 -7.23 -16.23 6.59
C ILE A 316 -7.23 -14.75 6.99
N ARG A 317 -7.37 -14.46 8.27
CA ARG A 317 -7.34 -13.08 8.71
CA ARG A 317 -7.30 -13.08 8.76
C ARG A 317 -5.94 -12.47 8.45
N ASN A 318 -4.90 -13.26 8.67
CA ASN A 318 -3.52 -12.79 8.43
C ASN A 318 -3.29 -12.47 6.96
N PHE A 319 -3.75 -13.36 6.10
CA PHE A 319 -3.71 -13.14 4.66
C PHE A 319 -4.46 -11.86 4.25
N CYS A 320 -5.69 -11.70 4.74
CA CYS A 320 -6.45 -10.48 4.44
C CYS A 320 -5.75 -9.23 4.93
N GLU A 321 -5.12 -9.30 6.10
CA GLU A 321 -4.36 -8.16 6.61
C GLU A 321 -3.16 -7.87 5.70
N MET A 322 -2.45 -8.91 5.27
CA MET A 322 -1.26 -8.74 4.46
C MET A 322 -1.49 -8.10 3.08
N ILE A 323 -2.61 -8.40 2.44
CA ILE A 323 -2.85 -7.87 1.11
C ILE A 323 -3.42 -6.45 1.15
N GLY A 324 -3.92 -6.04 2.31
CA GLY A 324 -4.40 -4.69 2.49
C GLY A 324 -5.71 -4.39 1.78
N VAL A 325 -6.11 -3.12 1.76
CA VAL A 325 -7.34 -2.70 1.09
C VAL A 325 -7.08 -1.45 0.26
N ASN A 326 -7.32 -1.55 -1.04
CA ASN A 326 -7.05 -0.45 -1.96
C ASN A 326 -8.15 -0.39 -3.00
N ARG A 327 -8.01 0.52 -3.96
CA ARG A 327 -9.02 0.67 -5.01
C ARG A 327 -8.44 0.29 -6.36
N ALA A 328 -7.35 -0.46 -6.34
CA ALA A 328 -6.71 -0.90 -7.58
C ALA A 328 -6.98 -2.38 -7.83
N SER A 329 -7.59 -2.67 -8.98
CA SER A 329 -7.75 -4.05 -9.40
C SER A 329 -6.37 -4.68 -9.59
N GLY A 330 -6.27 -5.97 -9.35
CA GLY A 330 -5.00 -6.66 -9.47
C GLY A 330 -5.15 -8.09 -8.99
N VAL A 331 -4.32 -8.99 -9.52
CA VAL A 331 -4.37 -10.39 -9.13
C VAL A 331 -3.43 -10.65 -7.97
N VAL A 332 -3.93 -11.38 -6.97
CA VAL A 332 -3.12 -11.84 -5.84
C VAL A 332 -2.71 -13.29 -6.07
N ASP A 333 -1.41 -13.60 -5.92
CA ASP A 333 -0.99 -14.98 -6.12
C ASP A 333 -1.45 -15.86 -4.94
N ILE A 334 -2.04 -17.00 -5.26
CA ILE A 334 -2.60 -17.88 -4.23
C ILE A 334 -1.50 -18.45 -3.33
N GLY A 335 -0.25 -18.36 -3.78
CA GLY A 335 0.88 -18.73 -2.95
C GLY A 335 0.99 -17.92 -1.68
N MET A 336 0.44 -16.70 -1.70
CA MET A 336 0.43 -15.85 -0.50
C MET A 336 -0.46 -16.44 0.57
N LEU A 337 -1.57 -17.03 0.14
CA LEU A 337 -2.52 -17.66 1.03
C LEU A 337 -1.97 -18.99 1.55
N GLU A 338 -1.37 -19.75 0.67
CA GLU A 338 -0.69 -20.99 1.03
C GLU A 338 0.44 -20.68 2.01
N PHE A 339 1.17 -19.59 1.80
CA PHE A 339 2.21 -19.22 2.75
C PHE A 339 1.61 -18.94 4.13
N SER A 340 0.49 -18.23 4.13
CA SER A 340 -0.14 -17.83 5.38
C SER A 340 -0.46 -19.03 6.27
N ILE A 341 -1.02 -20.09 5.71
CA ILE A 341 -1.37 -21.24 6.54
C ILE A 341 -0.09 -22.02 6.91
N ARG A 342 0.85 -22.12 5.98
CA ARG A 342 2.16 -22.68 6.26
CA ARG A 342 2.16 -22.68 6.28
C ARG A 342 2.80 -21.98 7.47
N ASP A 343 2.80 -20.65 7.42
CA ASP A 343 3.42 -19.84 8.47
C ASP A 343 2.75 -20.07 9.83
N HIS A 344 1.42 -20.02 9.85
CA HIS A 344 0.68 -20.19 11.09
C HIS A 344 0.89 -21.59 11.70
N LEU A 345 0.84 -22.63 10.87
CA LEU A 345 0.98 -23.99 11.38
C LEU A 345 2.43 -24.33 11.74
N ASP A 346 3.39 -23.76 11.01
CA ASP A 346 4.79 -23.89 11.40
C ASP A 346 4.94 -23.45 12.85
N ALA A 347 4.31 -22.33 13.18
CA ALA A 347 4.47 -21.71 14.48
C ALA A 347 3.64 -22.37 15.58
N THR A 348 2.49 -22.93 15.22
CA THR A 348 1.51 -23.30 16.23
C THR A 348 1.15 -24.79 16.28
N ALA A 349 1.36 -25.53 15.20
CA ALA A 349 0.89 -26.92 15.14
C ALA A 349 1.88 -27.94 15.74
N PRO A 350 1.36 -28.93 16.50
CA PRO A 350 2.21 -29.99 17.04
C PRO A 350 2.75 -30.90 15.94
N ARG A 351 3.92 -31.47 16.18
CA ARG A 351 4.59 -32.36 15.23
C ARG A 351 4.21 -33.81 15.46
N ALA A 352 4.18 -34.59 14.39
CA ALA A 352 3.93 -36.01 14.51
C ALA A 352 4.47 -36.71 13.27
N MET A 353 4.57 -38.03 13.35
CA MET A 353 5.10 -38.81 12.24
C MET A 353 4.02 -39.73 11.71
N CYS A 354 3.85 -39.72 10.39
CA CYS A 354 2.88 -40.61 9.77
C CYS A 354 3.52 -41.17 8.50
N VAL A 355 3.59 -42.48 8.42
CA VAL A 355 4.24 -43.13 7.28
C VAL A 355 3.19 -43.40 6.22
N LEU A 356 3.29 -42.72 5.08
CA LEU A 356 2.21 -42.74 4.11
C LEU A 356 2.25 -43.99 3.23
N LYS A 357 3.46 -44.47 2.94
CA LYS A 357 3.65 -45.67 2.12
C LYS A 357 4.50 -46.66 2.89
N PRO A 358 3.87 -47.42 3.80
CA PRO A 358 4.66 -48.17 4.77
C PRO A 358 5.44 -49.33 4.17
N LEU A 359 6.65 -49.48 4.71
CA LEU A 359 7.54 -50.58 4.42
C LEU A 359 7.93 -51.18 5.77
N LYS A 360 7.66 -52.47 5.95
CA LYS A 360 7.98 -53.12 7.22
CA LYS A 360 7.98 -53.14 7.20
C LYS A 360 9.50 -53.24 7.43
N VAL A 361 9.93 -52.88 8.63
CA VAL A 361 11.34 -52.91 9.00
C VAL A 361 11.52 -53.81 10.22
N VAL A 362 12.54 -54.67 10.17
CA VAL A 362 12.88 -55.50 11.32
C VAL A 362 14.27 -55.06 11.77
N ILE A 363 14.37 -54.65 13.03
CA ILE A 363 15.69 -54.32 13.60
C ILE A 363 16.31 -55.61 14.14
N THR A 364 17.24 -56.19 13.38
CA THR A 364 17.69 -57.55 13.65
C THR A 364 18.44 -57.75 14.98
N ASN A 365 19.06 -56.69 15.52
CA ASN A 365 19.74 -56.87 16.79
C ASN A 365 18.93 -56.23 17.91
N TYR A 366 17.65 -55.98 17.66
CA TYR A 366 16.76 -55.55 18.74
C TYR A 366 16.01 -56.77 19.28
N PRO A 367 16.19 -57.04 20.58
CA PRO A 367 15.57 -58.17 21.26
C PRO A 367 14.05 -58.18 21.07
N GLU A 368 13.54 -59.30 20.58
CA GLU A 368 12.12 -59.48 20.37
C GLU A 368 11.37 -59.39 21.71
N GLY A 369 10.24 -58.70 21.70
CA GLY A 369 9.43 -58.54 22.91
C GLY A 369 9.85 -57.40 23.80
N GLN A 370 10.92 -56.70 23.43
CA GLN A 370 11.42 -55.59 24.23
C GLN A 370 11.00 -54.26 23.58
N VAL A 371 10.83 -53.23 24.40
CA VAL A 371 10.48 -51.91 23.89
C VAL A 371 11.17 -50.80 24.69
N GLU A 372 11.48 -49.71 24.00
CA GLU A 372 11.99 -48.47 24.58
C GLU A 372 10.96 -47.39 24.32
N ASN A 373 10.59 -46.63 25.33
CA ASN A 373 9.59 -45.56 25.09
C ASN A 373 10.26 -44.21 24.90
N LEU A 374 10.62 -43.90 23.66
CA LEU A 374 11.27 -42.63 23.33
C LEU A 374 10.29 -41.46 23.45
N GLU A 375 10.78 -40.30 23.88
CA GLU A 375 9.90 -39.14 24.04
C GLU A 375 10.37 -38.00 23.13
N LEU A 376 9.48 -37.59 22.24
CA LEU A 376 9.79 -36.61 21.21
C LEU A 376 8.93 -35.38 21.45
N PRO A 377 9.54 -34.19 21.38
CA PRO A 377 8.82 -32.95 21.67
C PRO A 377 7.71 -32.71 20.65
N ARG A 378 6.58 -32.15 21.06
CA ARG A 378 5.51 -31.89 20.10
C ARG A 378 5.85 -30.64 19.28
N HIS A 379 6.82 -29.85 19.74
CA HIS A 379 7.21 -28.66 19.01
C HIS A 379 8.67 -28.32 19.28
N PRO A 380 9.40 -27.93 18.23
CA PRO A 380 10.82 -27.59 18.39
C PRO A 380 11.07 -26.32 19.19
N LYS A 381 10.04 -25.48 19.35
CA LYS A 381 10.21 -24.20 20.04
C LYS A 381 9.18 -23.99 21.16
N GLU A 382 7.93 -24.32 20.92
CA GLU A 382 6.87 -24.09 21.91
C GLU A 382 6.88 -25.16 23.00
N ASP A 383 6.32 -24.80 24.15
CA ASP A 383 6.21 -25.70 25.30
C ASP A 383 4.93 -26.52 25.15
N MET A 384 4.96 -27.54 24.30
CA MET A 384 3.74 -28.27 23.94
C MET A 384 3.71 -29.72 24.39
N GLY A 385 4.69 -30.14 25.21
CA GLY A 385 4.71 -31.49 25.74
C GLY A 385 5.44 -32.47 24.83
N VAL A 386 5.27 -33.77 25.07
CA VAL A 386 5.91 -34.78 24.23
C VAL A 386 4.93 -35.83 23.69
N ARG A 387 5.38 -36.56 22.67
CA ARG A 387 4.71 -37.77 22.23
C ARG A 387 5.57 -38.95 22.67
N VAL A 388 4.93 -40.03 23.10
CA VAL A 388 5.68 -41.24 23.40
C VAL A 388 5.73 -42.15 22.16
N LEU A 389 6.94 -42.51 21.75
CA LEU A 389 7.18 -43.36 20.58
C LEU A 389 7.85 -44.66 21.02
N PRO A 390 7.08 -45.75 21.08
CA PRO A 390 7.69 -47.03 21.45
C PRO A 390 8.64 -47.47 20.34
N PHE A 391 9.89 -47.75 20.67
CA PHE A 391 10.85 -48.22 19.68
C PHE A 391 11.15 -49.67 19.98
N GLY A 392 11.30 -50.49 18.95
CA GLY A 392 11.50 -51.91 19.15
C GLY A 392 11.87 -52.59 17.85
N ARG A 393 11.75 -53.92 17.83
CA ARG A 393 12.19 -54.73 16.71
C ARG A 393 11.41 -54.49 15.42
N GLU A 394 10.12 -54.18 15.55
CA GLU A 394 9.26 -54.02 14.38
C GLU A 394 8.80 -52.58 14.15
N LEU A 395 9.20 -52.02 13.01
CA LEU A 395 8.89 -50.64 12.63
C LEU A 395 8.28 -50.55 11.22
N PHE A 396 7.76 -49.37 10.89
CA PHE A 396 7.47 -48.99 9.50
C PHE A 396 8.25 -47.74 9.13
N ILE A 397 8.78 -47.72 7.91
CA ILE A 397 9.32 -46.50 7.32
C ILE A 397 8.65 -46.31 5.98
N ASP A 398 8.80 -45.14 5.39
CA ASP A 398 8.24 -44.92 4.07
C ASP A 398 9.07 -45.70 3.05
N ALA A 399 8.38 -46.44 2.18
CA ALA A 399 9.02 -47.24 1.15
C ALA A 399 9.94 -46.40 0.28
N GLY A 400 9.64 -45.11 0.16
CA GLY A 400 10.44 -44.17 -0.62
C GLY A 400 11.80 -43.87 -0.02
N ASP A 401 11.99 -44.24 1.24
CA ASP A 401 13.22 -43.91 1.94
C ASP A 401 14.22 -45.06 1.92
N PHE A 402 13.97 -46.03 1.05
CA PHE A 402 15.00 -47.01 0.73
C PHE A 402 15.06 -47.16 -0.78
N GLU A 403 16.28 -47.22 -1.32
CA GLU A 403 16.46 -47.48 -2.74
C GLU A 403 17.62 -48.44 -2.96
N GLU A 404 17.40 -49.46 -3.76
CA GLU A 404 18.46 -50.39 -4.13
C GLU A 404 19.42 -49.70 -5.08
N VAL A 405 18.86 -48.94 -6.01
CA VAL A 405 19.62 -48.16 -6.97
C VAL A 405 19.32 -46.68 -6.74
N PRO A 406 20.10 -46.02 -5.88
CA PRO A 406 19.83 -44.61 -5.54
C PRO A 406 20.13 -43.64 -6.68
N PRO A 407 19.29 -42.60 -6.85
CA PRO A 407 19.59 -41.49 -7.74
C PRO A 407 20.66 -40.62 -7.11
N ALA A 408 21.36 -39.81 -7.91
CA ALA A 408 22.39 -38.93 -7.37
C ALA A 408 21.83 -38.05 -6.26
N GLY A 409 22.62 -37.85 -5.21
CA GLY A 409 22.23 -37.00 -4.10
C GLY A 409 21.28 -37.63 -3.09
N TYR A 410 20.92 -38.89 -3.29
CA TYR A 410 19.98 -39.58 -2.41
C TYR A 410 20.55 -39.66 -1.00
N LYS A 411 19.75 -39.31 0.00
CA LYS A 411 20.27 -39.18 1.36
C LYS A 411 19.63 -40.16 2.35
N ARG A 412 18.70 -40.99 1.88
CA ARG A 412 18.08 -41.97 2.75
C ARG A 412 18.79 -43.35 2.70
N LEU A 413 18.06 -44.42 2.99
CA LEU A 413 18.67 -45.77 3.07
C LEU A 413 19.02 -46.40 1.73
N ILE A 414 20.23 -46.97 1.65
CA ILE A 414 20.65 -47.78 0.51
C ILE A 414 21.24 -49.07 1.07
N PRO A 415 21.42 -50.11 0.24
CA PRO A 415 21.99 -51.35 0.76
C PRO A 415 23.37 -51.14 1.41
N GLY A 416 23.55 -51.68 2.61
CA GLY A 416 24.79 -51.47 3.37
C GLY A 416 24.93 -50.10 4.02
N GLY A 417 24.04 -49.16 3.67
CA GLY A 417 24.10 -47.79 4.16
C GLY A 417 23.26 -47.48 5.39
N GLU A 418 23.51 -46.32 6.00
CA GLU A 418 22.80 -45.95 7.23
C GLU A 418 21.85 -44.77 7.07
N VAL A 419 20.98 -44.58 8.04
CA VAL A 419 20.09 -43.43 8.07
C VAL A 419 19.76 -43.18 9.54
N ARG A 420 19.51 -41.93 9.91
CA ARG A 420 19.00 -41.72 11.25
C ARG A 420 17.47 -41.73 11.27
N LEU A 421 16.94 -42.46 12.24
CA LEU A 421 15.51 -42.41 12.57
C LEU A 421 15.30 -41.22 13.48
N ARG A 422 14.32 -40.39 13.14
CA ARG A 422 14.08 -39.13 13.84
C ARG A 422 13.85 -39.40 15.33
N GLY A 423 14.62 -38.72 16.17
CA GLY A 423 14.50 -38.85 17.61
C GLY A 423 14.87 -40.23 18.13
N SER A 424 15.59 -40.98 17.32
CA SER A 424 15.87 -42.37 17.62
C SER A 424 17.29 -42.72 17.16
N TYR A 425 17.49 -43.98 16.82
CA TYR A 425 18.82 -44.51 16.52
C TYR A 425 19.20 -44.42 15.04
N VAL A 426 20.49 -44.59 14.77
CA VAL A 426 20.98 -44.81 13.41
C VAL A 426 20.81 -46.30 13.08
N ILE A 427 20.15 -46.60 11.95
CA ILE A 427 19.99 -47.98 11.51
C ILE A 427 20.68 -48.21 10.17
N ARG A 428 20.95 -49.46 9.85
CA ARG A 428 21.69 -49.81 8.65
C ARG A 428 20.92 -50.86 7.85
N ALA A 429 20.69 -50.60 6.57
CA ALA A 429 19.98 -51.56 5.72
C ALA A 429 20.82 -52.80 5.41
N ASP A 430 20.45 -53.94 6.00
CA ASP A 430 21.31 -55.12 5.90
C ASP A 430 20.78 -56.20 4.95
N GLU A 431 19.45 -56.32 4.81
CA GLU A 431 18.89 -57.23 3.81
C GLU A 431 17.48 -56.85 3.37
N ALA A 432 17.27 -56.75 2.07
CA ALA A 432 15.96 -56.44 1.52
C ALA A 432 15.26 -57.75 1.14
N ILE A 433 14.11 -58.00 1.75
CA ILE A 433 13.35 -59.22 1.46
C ILE A 433 12.34 -58.93 0.36
N LYS A 434 12.33 -59.75 -0.69
CA LYS A 434 11.43 -59.52 -1.82
C LYS A 434 10.45 -60.67 -2.00
N ASP A 435 9.25 -60.34 -2.51
CA ASP A 435 8.28 -61.38 -2.85
C ASP A 435 8.61 -61.95 -4.22
N ALA A 436 7.78 -62.89 -4.67
CA ALA A 436 7.99 -63.56 -5.95
C ALA A 436 8.00 -62.59 -7.13
N ASP A 437 7.35 -61.44 -6.96
CA ASP A 437 7.26 -60.45 -8.04
C ASP A 437 8.35 -59.39 -7.99
N GLY A 438 9.32 -59.55 -7.09
CA GLY A 438 10.42 -58.61 -6.98
C GLY A 438 10.15 -57.37 -6.14
N ASN A 439 8.99 -57.30 -5.50
CA ASN A 439 8.66 -56.18 -4.62
C ASN A 439 9.33 -56.36 -3.27
N ILE A 440 9.91 -55.28 -2.75
CA ILE A 440 10.49 -55.28 -1.40
C ILE A 440 9.36 -55.26 -0.38
N VAL A 441 9.26 -56.31 0.42
CA VAL A 441 8.17 -56.40 1.41
C VAL A 441 8.68 -56.26 2.85
N GLU A 442 9.99 -56.37 3.03
CA GLU A 442 10.58 -56.21 4.35
C GLU A 442 12.02 -55.73 4.23
N LEU A 443 12.40 -54.80 5.10
CA LEU A 443 13.77 -54.36 5.12
C LEU A 443 14.36 -54.73 6.47
N ARG A 444 15.37 -55.59 6.45
CA ARG A 444 15.97 -56.04 7.70
C ARG A 444 17.20 -55.20 7.96
N CYS A 445 17.20 -54.49 9.09
CA CYS A 445 18.20 -53.50 9.40
C CYS A 445 18.82 -53.77 10.77
N SER A 446 20.07 -53.37 10.97
CA SER A 446 20.62 -53.39 12.34
C SER A 446 20.62 -51.97 12.87
N TYR A 447 20.68 -51.80 14.18
CA TYR A 447 20.79 -50.45 14.72
C TYR A 447 22.05 -50.33 15.55
N ASP A 448 22.51 -49.11 15.75
CA ASP A 448 23.69 -48.85 16.57
C ASP A 448 23.22 -48.30 17.89
N PRO A 449 23.29 -49.13 18.94
CA PRO A 449 22.75 -48.78 20.26
C PRO A 449 23.46 -47.60 20.93
N ASP A 450 24.58 -47.15 20.36
CA ASP A 450 25.32 -46.04 20.95
C ASP A 450 24.90 -44.71 20.32
N THR A 451 23.83 -44.70 19.53
CA THR A 451 23.52 -43.47 18.77
C THR A 451 22.28 -42.71 19.18
N LEU A 452 21.66 -43.05 20.31
CA LEU A 452 20.50 -42.26 20.72
C LEU A 452 21.00 -40.90 21.18
N GLY A 453 20.57 -39.85 20.47
CA GLY A 453 20.95 -38.49 20.82
C GLY A 453 22.43 -38.21 20.63
N LYS A 454 23.06 -39.06 19.82
CA LYS A 454 24.51 -39.03 19.62
C LYS A 454 24.84 -39.48 18.19
N ASN A 455 25.78 -38.79 17.54
CA ASN A 455 26.26 -39.20 16.23
C ASN A 455 27.31 -40.29 16.39
N PRO A 456 27.36 -41.25 15.45
CA PRO A 456 28.36 -42.31 15.60
C PRO A 456 29.76 -41.77 15.46
N GLU A 457 30.68 -42.29 16.24
CA GLU A 457 32.07 -41.85 16.19
C GLU A 457 32.73 -42.36 14.92
N GLY A 458 33.42 -41.45 14.22
CA GLY A 458 34.24 -41.83 13.07
C GLY A 458 33.56 -42.10 11.74
N ARG A 459 32.27 -41.81 11.64
CA ARG A 459 31.56 -41.94 10.36
C ARG A 459 30.37 -41.00 10.30
N LYS A 460 29.95 -40.67 9.09
CA LYS A 460 28.86 -39.73 8.89
C LYS A 460 27.59 -40.43 8.39
N VAL A 461 26.45 -39.89 8.78
CA VAL A 461 25.15 -40.38 8.35
C VAL A 461 24.45 -39.23 7.60
N LYS A 462 24.11 -39.46 6.35
CA LYS A 462 23.66 -38.38 5.46
C LYS A 462 22.27 -37.83 5.78
N GLY A 463 21.35 -38.69 6.20
CA GLY A 463 19.95 -38.32 6.24
C GLY A 463 19.20 -38.66 7.51
N VAL A 464 18.01 -38.09 7.64
CA VAL A 464 17.09 -38.39 8.75
C VAL A 464 15.71 -38.67 8.18
N ILE A 465 15.08 -39.75 8.62
CA ILE A 465 13.74 -40.10 8.14
C ILE A 465 12.77 -40.29 9.30
N HIS A 466 11.48 -40.14 9.01
CA HIS A 466 10.45 -40.45 9.98
C HIS A 466 10.15 -41.95 9.96
N TRP A 467 9.39 -42.40 10.95
CA TRP A 467 9.20 -43.82 11.19
C TRP A 467 8.13 -43.96 12.25
N VAL A 468 7.51 -45.13 12.36
CA VAL A 468 6.57 -45.41 13.46
C VAL A 468 6.80 -46.83 13.93
N PRO A 469 6.43 -47.13 15.18
CA PRO A 469 6.47 -48.54 15.60
C PRO A 469 5.36 -49.31 14.89
N ALA A 470 5.59 -50.57 14.58
CA ALA A 470 4.58 -51.36 13.90
C ALA A 470 3.45 -51.65 14.88
N GLU A 471 3.85 -51.99 16.09
CA GLU A 471 2.90 -52.29 17.16
C GLU A 471 2.54 -51.01 17.89
N GLY A 472 1.32 -50.53 17.65
CA GLY A 472 0.86 -49.29 18.22
C GLY A 472 0.58 -48.22 17.18
N SER A 473 1.07 -48.43 15.96
CA SER A 473 0.79 -47.49 14.88
C SER A 473 -0.70 -47.57 14.57
N VAL A 474 -1.26 -46.42 14.17
CA VAL A 474 -2.66 -46.29 13.84
C VAL A 474 -2.85 -46.36 12.33
N GLU A 475 -3.59 -47.36 11.86
CA GLU A 475 -3.89 -47.43 10.45
C GLU A 475 -4.90 -46.35 10.09
N CYS A 476 -4.65 -45.61 9.02
CA CYS A 476 -5.54 -44.50 8.70
C CYS A 476 -5.53 -44.14 7.21
N GLU A 477 -6.60 -43.47 6.78
CA GLU A 477 -6.68 -42.92 5.44
C GLU A 477 -6.11 -41.51 5.42
N VAL A 478 -5.32 -41.22 4.41
CA VAL A 478 -4.76 -39.89 4.25
C VAL A 478 -5.07 -39.40 2.85
N ARG A 479 -5.68 -38.21 2.78
CA ARG A 479 -6.05 -37.58 1.52
C ARG A 479 -5.07 -36.44 1.18
N LEU A 480 -4.32 -36.65 0.11
CA LEU A 480 -3.35 -35.66 -0.34
C LEU A 480 -4.02 -34.71 -1.31
N TYR A 481 -4.24 -33.47 -0.86
CA TYR A 481 -4.91 -32.45 -1.67
C TYR A 481 -3.88 -31.50 -2.29
N ASP A 482 -4.22 -30.95 -3.46
CA ASP A 482 -3.46 -29.86 -4.06
C ASP A 482 -4.44 -28.96 -4.80
N ARG A 483 -3.93 -27.94 -5.51
CA ARG A 483 -4.79 -26.97 -6.17
C ARG A 483 -5.73 -27.64 -7.14
N LEU A 484 -6.99 -27.23 -7.14
CA LEU A 484 -7.99 -27.80 -8.02
C LEU A 484 -7.66 -27.52 -9.50
N PHE A 485 -7.05 -26.37 -9.76
CA PHE A 485 -6.72 -25.98 -11.12
C PHE A 485 -5.21 -25.88 -11.33
N ARG A 486 -4.75 -26.21 -12.53
CA ARG A 486 -3.33 -26.25 -12.77
C ARG A 486 -2.82 -25.02 -13.53
N SER A 487 -3.73 -24.13 -13.93
CA SER A 487 -3.31 -22.89 -14.57
C SER A 487 -3.77 -21.68 -13.76
N ALA A 488 -3.04 -20.58 -13.91
CA ALA A 488 -3.25 -19.39 -13.10
C ALA A 488 -4.60 -18.74 -13.35
N ASN A 489 -5.05 -18.71 -14.61
CA ASN A 489 -6.39 -18.23 -14.92
C ASN A 489 -7.23 -19.36 -15.52
N PRO A 490 -7.86 -20.16 -14.65
CA PRO A 490 -8.53 -21.39 -15.08
C PRO A 490 -9.74 -21.15 -15.99
N GLU A 491 -10.39 -20.00 -15.87
CA GLU A 491 -11.59 -19.75 -16.65
C GLU A 491 -11.23 -19.45 -18.11
N LYS A 492 -9.96 -19.19 -18.36
CA LYS A 492 -9.49 -18.96 -19.72
C LYS A 492 -9.06 -20.26 -20.38
N ALA A 493 -9.80 -20.68 -21.40
CA ALA A 493 -9.54 -21.95 -22.08
C ALA A 493 -9.34 -21.74 -23.57
N GLU A 494 -8.82 -22.77 -24.26
CA GLU A 494 -8.65 -22.72 -25.70
C GLU A 494 -10.00 -22.72 -26.41
N GLU A 495 -10.00 -22.33 -27.68
CA GLU A 495 -11.23 -22.26 -28.47
C GLU A 495 -11.91 -23.63 -28.54
N GLY A 496 -13.20 -23.66 -28.18
CA GLY A 496 -13.93 -24.92 -28.16
C GLY A 496 -13.74 -25.73 -26.88
N GLY A 497 -13.09 -25.14 -25.88
CA GLY A 497 -12.86 -25.82 -24.62
C GLY A 497 -13.59 -25.14 -23.47
N SER A 498 -13.28 -25.53 -22.24
CA SER A 498 -13.87 -24.87 -21.08
C SER A 498 -12.90 -24.85 -19.89
N PHE A 499 -13.33 -24.22 -18.80
CA PHE A 499 -12.49 -24.11 -17.64
C PHE A 499 -12.20 -25.48 -17.04
N LEU A 500 -13.05 -26.47 -17.32
CA LEU A 500 -12.85 -27.82 -16.80
C LEU A 500 -11.60 -28.47 -17.39
N ASP A 501 -11.18 -27.99 -18.55
CA ASP A 501 -9.93 -28.46 -19.18
C ASP A 501 -8.71 -28.11 -18.35
N ASN A 502 -8.86 -27.21 -17.39
CA ASN A 502 -7.73 -26.72 -16.60
C ASN A 502 -7.65 -27.39 -15.24
N ILE A 503 -8.51 -28.37 -15.02
CA ILE A 503 -8.53 -29.08 -13.75
C ILE A 503 -7.22 -29.85 -13.54
N ASN A 504 -6.70 -29.77 -12.32
CA ASN A 504 -5.51 -30.51 -11.93
C ASN A 504 -5.85 -31.96 -11.58
N ALA A 505 -5.42 -32.89 -12.44
CA ALA A 505 -5.68 -34.31 -12.24
C ALA A 505 -5.02 -34.84 -10.98
N ASP A 506 -4.03 -34.12 -10.47
CA ASP A 506 -3.36 -34.53 -9.24
C ASP A 506 -3.85 -33.76 -8.02
N SER A 507 -5.07 -33.22 -8.11
CA SER A 507 -5.61 -32.42 -7.00
C SER A 507 -6.01 -33.29 -5.81
N LEU A 508 -6.26 -34.57 -6.04
CA LEU A 508 -6.57 -35.48 -4.94
C LEU A 508 -5.97 -36.87 -5.14
N GLN A 509 -5.26 -37.30 -4.11
CA GLN A 509 -4.75 -38.66 -4.03
CA GLN A 509 -4.77 -38.67 -4.04
C GLN A 509 -5.17 -39.25 -2.69
N VAL A 510 -5.98 -40.30 -2.72
CA VAL A 510 -6.43 -40.95 -1.51
C VAL A 510 -5.52 -42.13 -1.20
N LEU A 511 -4.89 -42.10 -0.03
CA LEU A 511 -4.04 -43.21 0.41
C LEU A 511 -4.71 -44.01 1.51
N ALA A 512 -4.79 -45.33 1.33
CA ALA A 512 -5.30 -46.21 2.36
C ALA A 512 -4.12 -46.90 3.04
N GLY A 513 -4.31 -47.29 4.29
CA GLY A 513 -3.33 -48.11 4.97
C GLY A 513 -2.10 -47.38 5.47
N CYS A 514 -2.19 -46.06 5.57
CA CYS A 514 -1.11 -45.27 6.16
C CYS A 514 -0.94 -45.61 7.64
N ARG A 515 0.28 -45.43 8.16
CA ARG A 515 0.61 -45.79 9.53
C ARG A 515 1.04 -44.58 10.36
N ALA A 516 0.14 -44.10 11.21
CA ALA A 516 0.38 -42.91 12.03
C ALA A 516 0.99 -43.31 13.38
N GLU A 517 1.81 -42.42 13.96
CA GLU A 517 2.37 -42.73 15.28
C GLU A 517 1.22 -42.87 16.28
N PRO A 518 1.43 -43.63 17.38
CA PRO A 518 0.35 -43.94 18.31
C PRO A 518 -0.40 -42.71 18.82
N SER A 519 0.32 -41.62 19.05
CA SER A 519 -0.28 -40.42 19.61
C SER A 519 -1.38 -39.84 18.73
N LEU A 520 -1.32 -40.11 17.42
CA LEU A 520 -2.37 -39.65 16.51
C LEU A 520 -3.66 -40.44 16.68
N GLY A 521 -3.60 -41.56 17.41
CA GLY A 521 -4.81 -42.27 17.77
C GLY A 521 -5.68 -41.50 18.75
N GLN A 522 -5.16 -40.39 19.27
CA GLN A 522 -5.90 -39.56 20.20
C GLN A 522 -6.26 -38.23 19.53
N ALA A 523 -6.10 -38.14 18.22
CA ALA A 523 -6.44 -36.92 17.51
C ALA A 523 -7.95 -36.77 17.44
N ASN A 524 -8.42 -35.54 17.63
CA ASN A 524 -9.84 -35.22 17.55
C ASN A 524 -10.11 -34.48 16.26
N PRO A 525 -11.38 -34.46 15.80
CA PRO A 525 -11.69 -33.71 14.57
C PRO A 525 -11.17 -32.28 14.61
N GLU A 526 -10.53 -31.87 13.52
CA GLU A 526 -9.94 -30.55 13.31
C GLU A 526 -8.63 -30.32 14.07
N ASP A 527 -8.06 -31.35 14.69
CA ASP A 527 -6.70 -31.27 15.18
C ASP A 527 -5.75 -31.13 13.99
N ARG A 528 -4.83 -30.16 14.06
CA ARG A 528 -3.85 -29.95 12.99
C ARG A 528 -2.45 -30.36 13.44
N PHE A 529 -1.62 -30.79 12.50
CA PHE A 529 -0.29 -31.32 12.79
C PHE A 529 0.67 -30.97 11.68
N GLN A 530 1.94 -30.89 12.02
CA GLN A 530 2.97 -31.05 11.00
C GLN A 530 3.37 -32.52 10.97
N PHE A 531 3.06 -33.21 9.87
CA PHE A 531 3.58 -34.57 9.65
C PHE A 531 4.99 -34.44 9.10
N GLU A 532 5.97 -34.91 9.88
CA GLU A 532 7.38 -34.84 9.50
C GLU A 532 7.64 -35.26 8.07
N ARG A 533 8.33 -34.40 7.34
CA ARG A 533 8.73 -34.62 5.95
C ARG A 533 7.56 -34.85 4.99
N GLU A 534 6.34 -34.52 5.40
CA GLU A 534 5.21 -34.74 4.51
C GLU A 534 4.34 -33.50 4.31
N GLY A 535 4.17 -32.70 5.36
CA GLY A 535 3.35 -31.52 5.23
C GLY A 535 2.53 -31.19 6.48
N TYR A 536 1.54 -30.33 6.31
CA TYR A 536 0.61 -30.03 7.41
C TYR A 536 -0.74 -30.65 7.13
N PHE A 537 -1.30 -31.31 8.14
CA PHE A 537 -2.49 -32.13 7.99
C PHE A 537 -3.52 -31.80 9.06
N VAL A 538 -4.79 -32.00 8.73
CA VAL A 538 -5.86 -31.83 9.69
C VAL A 538 -6.66 -33.15 9.78
N ALA A 539 -7.14 -33.48 10.97
CA ALA A 539 -8.09 -34.59 11.11
C ALA A 539 -9.43 -34.11 10.60
N ASP A 540 -9.86 -34.64 9.46
CA ASP A 540 -11.09 -34.21 8.78
C ASP A 540 -12.29 -34.08 9.72
N LEU A 541 -13.04 -32.99 9.64
CA LEU A 541 -14.06 -32.74 10.67
C LEU A 541 -15.25 -33.66 10.56
N LYS A 542 -15.50 -34.20 9.36
CA LYS A 542 -16.65 -35.08 9.20
C LYS A 542 -16.30 -36.56 9.32
N ASP A 543 -15.14 -36.94 8.80
CA ASP A 543 -14.83 -38.37 8.66
C ASP A 543 -13.96 -38.93 9.78
N SER A 544 -13.36 -38.07 10.60
CA SER A 544 -12.60 -38.55 11.76
C SER A 544 -13.58 -38.99 12.84
N ARG A 545 -13.30 -40.12 13.45
CA ARG A 545 -14.08 -40.56 14.60
C ARG A 545 -13.11 -40.93 15.71
N PRO A 546 -13.59 -41.11 16.96
CA PRO A 546 -12.67 -41.33 18.07
C PRO A 546 -11.79 -42.55 17.84
N GLY A 547 -10.49 -42.38 18.00
CA GLY A 547 -9.52 -43.45 17.78
C GLY A 547 -9.11 -43.61 16.34
N LYS A 548 -9.93 -43.09 15.42
CA LYS A 548 -9.69 -43.28 13.98
C LYS A 548 -9.81 -41.99 13.18
N PRO A 549 -8.78 -41.14 13.22
CA PRO A 549 -8.77 -39.93 12.40
C PRO A 549 -8.64 -40.25 10.91
N VAL A 550 -9.15 -39.35 10.07
CA VAL A 550 -8.87 -39.35 8.63
C VAL A 550 -8.18 -38.02 8.36
N PHE A 551 -7.03 -38.02 7.69
CA PHE A 551 -6.27 -36.79 7.58
C PHE A 551 -6.33 -36.19 6.18
N ASN A 552 -6.49 -34.87 6.12
CA ASN A 552 -6.40 -34.12 4.87
C ASN A 552 -5.08 -33.37 4.86
N ARG A 553 -4.34 -33.42 3.76
CA ARG A 553 -3.20 -32.52 3.67
C ARG A 553 -3.65 -31.10 3.41
N THR A 554 -3.30 -30.22 4.34
CA THR A 554 -3.73 -28.83 4.32
C THR A 554 -2.87 -28.07 3.32
N VAL A 555 -1.56 -28.25 3.46
CA VAL A 555 -0.59 -27.58 2.63
C VAL A 555 0.72 -28.35 2.73
N THR A 556 1.55 -28.31 1.69
CA THR A 556 2.87 -28.98 1.75
C THR A 556 3.83 -28.19 2.64
N LEU A 557 4.95 -28.80 3.04
CA LEU A 557 5.93 -28.11 3.87
C LEU A 557 6.52 -26.87 3.20
N ARG A 558 6.72 -26.97 1.89
CA ARG A 558 7.33 -25.90 1.13
C ARG A 558 6.64 -25.75 -0.21
N ASP A 559 6.73 -24.57 -0.80
CA ASP A 559 6.07 -24.29 -2.07
C ASP A 559 6.59 -25.16 -3.22
N SER A 560 5.66 -25.74 -3.96
CA SER A 560 5.99 -26.61 -5.09
CA SER A 560 6.00 -26.61 -5.08
C SER A 560 5.60 -25.98 -6.42
N TRP A 561 4.76 -24.95 -6.37
CA TRP A 561 4.22 -24.35 -7.59
C TRP A 561 5.01 -23.16 -8.14
N GLY A 562 5.77 -22.48 -7.28
CA GLY A 562 6.44 -21.25 -7.69
C GLY A 562 5.46 -20.11 -7.94
N GLN A 563 5.82 -19.17 -8.80
CA GLN A 563 4.94 -18.07 -9.14
C GLN A 563 5.16 -17.62 -10.59
N ALA B 16 -5.08 11.79 -2.59
CA ALA B 16 -5.99 10.69 -2.28
C ALA B 16 -6.13 10.52 -0.78
N ALA B 17 -5.01 10.35 -0.10
CA ALA B 17 -5.00 10.14 1.35
C ALA B 17 -5.62 11.31 2.11
N PRO B 18 -6.32 11.00 3.22
CA PRO B 18 -7.00 12.02 4.02
C PRO B 18 -6.05 13.06 4.60
N ASN B 19 -6.58 14.25 4.81
CA ASN B 19 -5.87 15.37 5.44
C ASN B 19 -6.77 15.80 6.60
N PHE B 20 -6.37 15.50 7.84
CA PHE B 20 -7.28 15.76 8.96
C PHE B 20 -7.42 17.26 9.21
N LEU B 21 -6.44 18.06 8.80
CA LEU B 21 -6.54 19.49 9.02
C LEU B 21 -7.56 20.12 8.09
N ARG B 22 -7.58 19.67 6.84
CA ARG B 22 -8.64 20.05 5.91
C ARG B 22 -10.02 19.73 6.48
N GLN B 23 -10.16 18.57 7.14
CA GLN B 23 -11.46 18.22 7.71
C GLN B 23 -11.85 19.14 8.86
N ILE B 24 -10.86 19.53 9.66
CA ILE B 24 -11.11 20.42 10.80
C ILE B 24 -11.66 21.77 10.31
N VAL B 25 -11.06 22.28 9.23
CA VAL B 25 -11.49 23.55 8.67
C VAL B 25 -12.86 23.42 8.02
N GLN B 26 -13.07 22.34 7.29
CA GLN B 26 -14.36 22.12 6.67
C GLN B 26 -15.45 21.93 7.73
N ALA B 27 -15.08 21.42 8.90
CA ALA B 27 -16.05 21.22 9.98
C ALA B 27 -16.64 22.54 10.42
N ASP B 28 -15.79 23.56 10.53
CA ASP B 28 -16.23 24.89 10.92
C ASP B 28 -17.20 25.47 9.89
N LEU B 29 -16.89 25.26 8.61
CA LEU B 29 -17.75 25.71 7.53
C LEU B 29 -19.12 25.06 7.62
N ASP B 30 -19.14 23.73 7.73
CA ASP B 30 -20.40 22.98 7.82
C ASP B 30 -21.22 23.37 9.04
N ALA B 31 -20.54 23.82 10.09
CA ALA B 31 -21.20 24.22 11.33
C ALA B 31 -21.73 25.64 11.24
N GLY B 32 -21.31 26.36 10.20
CA GLY B 32 -21.82 27.70 9.95
C GLY B 32 -20.84 28.82 10.21
N LYS B 33 -19.69 28.50 10.78
CA LYS B 33 -18.68 29.50 11.06
C LYS B 33 -18.12 30.07 9.75
N HIS B 34 -17.74 31.34 9.76
CA HIS B 34 -17.35 32.03 8.54
C HIS B 34 -15.98 32.70 8.66
N ALA B 35 -15.33 32.50 9.80
CA ALA B 35 -14.05 33.13 10.07
C ALA B 35 -12.98 32.68 9.08
N LYS B 36 -12.20 33.63 8.60
CA LYS B 36 -11.06 33.36 7.72
C LYS B 36 -10.04 32.51 8.47
N ILE B 37 -9.45 31.52 7.82
CA ILE B 37 -8.36 30.81 8.48
C ILE B 37 -7.06 31.53 8.18
N VAL B 38 -6.17 31.51 9.16
CA VAL B 38 -4.88 32.16 9.05
C VAL B 38 -3.84 31.18 9.56
N THR B 39 -2.97 30.74 8.66
CA THR B 39 -1.92 29.80 8.98
C THR B 39 -0.56 30.49 8.85
N ARG B 40 0.53 29.81 9.23
CA ARG B 40 1.85 30.34 8.92
C ARG B 40 2.89 29.25 8.69
N PHE B 41 3.92 29.58 7.92
CA PHE B 41 5.12 28.76 7.82
C PHE B 41 6.24 29.54 8.53
N PRO B 42 6.77 29.00 9.64
CA PRO B 42 7.67 29.80 10.48
C PRO B 42 9.11 29.30 10.61
N PRO B 43 9.84 29.13 9.49
CA PRO B 43 11.20 28.58 9.62
C PRO B 43 12.19 29.53 10.29
N GLU B 44 13.16 28.98 11.01
CA GLU B 44 14.32 29.76 11.45
C GLU B 44 15.22 30.00 10.24
N PRO B 45 15.68 31.24 10.04
CA PRO B 45 16.54 31.50 8.87
C PRO B 45 17.99 31.09 9.12
N ASN B 46 18.23 29.79 9.29
CA ASN B 46 19.56 29.31 9.63
C ASN B 46 19.89 28.03 8.87
N GLY B 47 19.14 27.76 7.81
CA GLY B 47 19.42 26.62 6.97
C GLY B 47 18.54 26.64 5.73
N TYR B 48 18.95 25.87 4.72
CA TYR B 48 18.19 25.73 3.48
C TYR B 48 17.08 24.71 3.66
N LEU B 49 15.97 24.88 2.94
CA LEU B 49 14.86 23.94 3.07
C LEU B 49 15.13 22.64 2.33
N HIS B 50 14.57 21.55 2.85
CA HIS B 50 14.64 20.25 2.20
C HIS B 50 13.24 19.73 1.92
N ILE B 51 13.17 18.56 1.29
CA ILE B 51 11.92 18.01 0.80
C ILE B 51 10.86 17.85 1.91
N GLY B 52 11.32 17.59 3.13
CA GLY B 52 10.42 17.57 4.26
C GLY B 52 9.71 18.89 4.50
N HIS B 53 10.39 20.01 4.26
CA HIS B 53 9.73 21.30 4.44
C HIS B 53 8.62 21.53 3.42
N ALA B 54 8.73 20.87 2.27
CA ALA B 54 7.68 20.96 1.24
C ALA B 54 6.33 20.50 1.79
N LYS B 55 6.33 19.47 2.63
CA LYS B 55 5.10 19.00 3.25
C LYS B 55 4.48 20.11 4.11
N SER B 56 5.31 20.76 4.92
CA SER B 56 4.83 21.85 5.77
CA SER B 56 4.85 21.86 5.77
C SER B 56 4.38 23.04 4.92
N ILE B 57 5.09 23.29 3.83
CA ILE B 57 4.75 24.41 2.97
C ILE B 57 3.41 24.15 2.27
N CYS B 58 3.26 22.96 1.68
CA CYS B 58 2.03 22.62 0.98
C CYS B 58 0.84 22.59 1.96
N LEU B 59 1.11 22.18 3.18
CA LEU B 59 0.04 22.11 4.19
C LEU B 59 -0.42 23.51 4.61
N ASN B 60 0.53 24.35 5.03
CA ASN B 60 0.14 25.66 5.54
C ASN B 60 -0.34 26.62 4.44
N PHE B 61 0.40 26.74 3.34
CA PHE B 61 -0.05 27.61 2.26
C PHE B 61 -1.24 26.98 1.53
N GLY B 62 -1.22 25.67 1.36
CA GLY B 62 -2.29 25.00 0.64
C GLY B 62 -3.63 25.08 1.35
N LEU B 63 -3.62 24.97 2.66
CA LEU B 63 -4.87 25.07 3.42
C LEU B 63 -5.45 26.45 3.21
N ALA B 64 -4.61 27.47 3.37
CA ALA B 64 -5.09 28.85 3.25
C ALA B 64 -5.59 29.13 1.84
N GLN B 65 -4.94 28.54 0.83
CA GLN B 65 -5.35 28.79 -0.54
C GLN B 65 -6.69 28.09 -0.80
N GLU B 66 -6.79 26.85 -0.31
CA GLU B 66 -7.99 26.05 -0.51
C GLU B 66 -9.25 26.73 0.05
N PHE B 67 -9.08 27.42 1.17
CA PHE B 67 -10.23 27.94 1.88
C PHE B 67 -10.29 29.45 1.81
N ALA B 68 -9.47 30.03 0.93
CA ALA B 68 -9.46 31.47 0.68
C ALA B 68 -9.12 32.22 1.97
N GLY B 69 -8.17 31.69 2.73
CA GLY B 69 -7.66 32.39 3.89
C GLY B 69 -6.27 32.94 3.62
N ASP B 70 -5.52 33.18 4.69
CA ASP B 70 -4.18 33.74 4.59
C ASP B 70 -3.14 32.80 5.16
N CYS B 71 -1.95 32.78 4.56
CA CYS B 71 -0.82 32.12 5.18
C CYS B 71 0.34 33.09 5.28
N HIS B 72 0.82 33.33 6.50
CA HIS B 72 1.98 34.18 6.70
C HIS B 72 3.28 33.41 6.49
N LEU B 73 4.26 34.07 5.89
CA LEU B 73 5.64 33.60 6.01
C LEU B 73 6.25 34.33 7.19
N ARG B 74 6.70 33.59 8.19
CA ARG B 74 7.35 34.22 9.33
C ARG B 74 8.74 33.64 9.52
N PHE B 75 9.74 34.48 9.65
CA PHE B 75 11.05 33.97 10.00
C PHE B 75 11.18 34.01 11.50
N ASP B 76 11.44 32.84 12.08
CA ASP B 76 11.60 32.72 13.51
C ASP B 76 13.03 33.11 13.83
N ASP B 77 13.28 34.42 13.81
CA ASP B 77 14.66 34.93 13.89
C ASP B 77 14.97 35.47 15.28
N THR B 78 14.59 34.74 16.31
CA THR B 78 14.80 35.27 17.67
C THR B 78 16.25 35.17 18.07
N ASN B 79 17.00 34.31 17.41
CA ASN B 79 18.44 34.16 17.66
CA ASN B 79 18.42 34.21 17.71
C ASN B 79 19.21 35.24 16.92
N PRO B 80 20.17 35.90 17.58
CA PRO B 80 21.07 36.80 16.86
C PRO B 80 22.10 36.00 16.07
N ALA B 81 22.09 36.15 14.75
CA ALA B 81 23.04 35.43 13.89
C ALA B 81 23.47 36.34 12.74
N LYS B 82 24.56 36.01 12.06
CA LYS B 82 25.10 36.91 11.03
C LYS B 82 24.57 36.59 9.63
N GLU B 83 24.24 35.33 9.36
CA GLU B 83 23.96 34.93 7.99
C GLU B 83 22.47 34.75 7.65
N ASP B 84 21.60 35.39 8.44
CA ASP B 84 20.16 35.30 8.22
C ASP B 84 19.74 35.57 6.77
N GLN B 85 20.37 36.55 6.13
CA GLN B 85 19.82 37.00 4.84
C GLN B 85 19.95 35.95 3.74
N GLU B 86 21.07 35.24 3.70
CA GLU B 86 21.25 34.16 2.73
CA GLU B 86 21.20 34.23 2.66
C GLU B 86 20.10 33.16 2.82
N TYR B 87 19.74 32.82 4.05
CA TYR B 87 18.71 31.83 4.28
C TYR B 87 17.30 32.40 4.05
N ILE B 88 17.08 33.66 4.44
CA ILE B 88 15.82 34.33 4.11
C ILE B 88 15.59 34.32 2.60
N ASP B 89 16.59 34.75 1.83
CA ASP B 89 16.44 34.81 0.38
C ASP B 89 16.14 33.44 -0.22
N ALA B 90 16.88 32.42 0.22
CA ALA B 90 16.69 31.05 -0.31
C ALA B 90 15.31 30.46 0.04
N ILE B 91 14.85 30.72 1.26
CA ILE B 91 13.55 30.20 1.71
C ILE B 91 12.41 30.84 0.91
N GLU B 92 12.51 32.15 0.70
CA GLU B 92 11.51 32.86 -0.11
C GLU B 92 11.48 32.32 -1.53
N ALA B 93 12.66 32.09 -2.10
CA ALA B 93 12.76 31.58 -3.47
C ALA B 93 12.16 30.18 -3.61
N ASP B 94 12.34 29.35 -2.60
CA ASP B 94 11.78 27.98 -2.57
C ASP B 94 10.25 27.99 -2.54
N ILE B 95 9.69 28.82 -1.68
CA ILE B 95 8.23 28.92 -1.54
C ILE B 95 7.62 29.48 -2.84
N LYS B 96 8.27 30.48 -3.44
CA LYS B 96 7.74 31.05 -4.67
C LYS B 96 7.86 30.05 -5.81
N TRP B 97 8.93 29.27 -5.79
CA TRP B 97 9.10 28.25 -6.82
C TRP B 97 8.02 27.17 -6.72
N LEU B 98 7.64 26.80 -5.50
CA LEU B 98 6.56 25.81 -5.32
C LEU B 98 5.20 26.37 -5.74
N GLY B 99 5.14 27.69 -5.92
CA GLY B 99 3.97 28.34 -6.46
C GLY B 99 3.08 29.06 -5.45
N PHE B 100 3.58 29.29 -4.25
CA PHE B 100 2.73 29.85 -3.19
C PHE B 100 3.09 31.30 -2.93
N GLN B 101 2.19 32.00 -2.26
CA GLN B 101 2.39 33.41 -1.97
C GLN B 101 1.88 33.68 -0.57
N TRP B 102 2.76 34.20 0.30
CA TRP B 102 2.35 34.59 1.65
C TRP B 102 1.50 35.84 1.59
N SER B 103 0.58 35.97 2.53
CA SER B 103 -0.29 37.13 2.62
C SER B 103 0.45 38.28 3.30
N GLY B 104 0.23 39.49 2.82
CA GLY B 104 0.81 40.65 3.47
C GLY B 104 2.33 40.66 3.46
N GLU B 105 2.92 41.35 4.42
CA GLU B 105 4.36 41.46 4.50
C GLU B 105 4.96 40.19 5.10
N VAL B 106 6.21 39.91 4.74
CA VAL B 106 6.99 38.89 5.43
C VAL B 106 7.01 39.25 6.93
N CYS B 107 6.80 38.27 7.80
CA CYS B 107 6.88 38.52 9.24
C CYS B 107 8.22 38.05 9.82
N TYR B 108 8.63 38.68 10.92
CA TYR B 108 9.86 38.34 11.64
C TYR B 108 9.54 38.30 13.12
N ALA B 109 9.93 37.22 13.81
CA ALA B 109 9.69 37.14 15.24
C ALA B 109 10.35 38.32 15.95
N SER B 110 11.45 38.82 15.39
CA SER B 110 12.18 39.92 16.01
C SER B 110 11.39 41.22 16.01
N ASN B 111 10.40 41.33 15.11
CA ASN B 111 9.49 42.47 15.12
C ASN B 111 8.67 42.56 16.42
N TYR B 112 8.55 41.44 17.13
CA TYR B 112 7.74 41.42 18.33
C TYR B 112 8.57 41.51 19.63
N PHE B 113 9.87 41.81 19.54
CA PHE B 113 10.71 41.87 20.74
C PHE B 113 10.16 42.84 21.80
N ASP B 114 9.69 44.00 21.37
CA ASP B 114 9.14 44.96 22.34
C ASP B 114 7.92 44.38 23.06
N GLN B 115 7.01 43.81 22.28
CA GLN B 115 5.77 43.28 22.86
C GLN B 115 6.04 42.07 23.77
N LEU B 116 6.98 41.22 23.36
CA LEU B 116 7.34 40.04 24.14
C LEU B 116 7.94 40.46 25.48
N HIS B 117 8.79 41.48 25.45
CA HIS B 117 9.39 41.98 26.68
C HIS B 117 8.30 42.55 27.60
N ALA B 118 7.35 43.28 27.02
CA ALA B 118 6.26 43.85 27.82
C ALA B 118 5.47 42.74 28.50
N TRP B 119 5.17 41.67 27.75
CA TRP B 119 4.39 40.56 28.29
C TRP B 119 5.15 39.80 29.39
N ALA B 120 6.47 39.75 29.26
CA ALA B 120 7.32 39.13 30.27
C ALA B 120 7.28 39.93 31.56
N VAL B 121 7.29 41.26 31.44
CA VAL B 121 7.14 42.13 32.62
C VAL B 121 5.78 41.92 33.30
N GLU B 122 4.74 41.74 32.49
CA GLU B 122 3.42 41.44 33.04
C GLU B 122 3.41 40.13 33.82
N LEU B 123 4.05 39.09 33.27
CA LEU B 123 4.19 37.83 34.00
C LEU B 123 4.92 38.02 35.33
N ILE B 124 6.01 38.81 35.32
CA ILE B 124 6.72 39.07 36.57
C ILE B 124 5.76 39.73 37.58
N LYS B 125 5.03 40.76 37.12
CA LYS B 125 4.14 41.50 38.00
C LYS B 125 3.01 40.63 38.57
N ALA B 126 2.59 39.62 37.82
CA ALA B 126 1.55 38.70 38.31
C ALA B 126 2.12 37.56 39.17
N GLY B 127 3.43 37.59 39.40
CA GLY B 127 4.08 36.55 40.18
C GLY B 127 4.23 35.22 39.45
N LYS B 128 4.22 35.29 38.11
CA LYS B 128 4.27 34.09 37.29
C LYS B 128 5.57 33.97 36.51
N ALA B 129 6.56 34.76 36.90
CA ALA B 129 7.89 34.63 36.34
C ALA B 129 8.89 35.14 37.36
N PHE B 130 10.11 34.65 37.28
CA PHE B 130 11.14 35.06 38.23
C PHE B 130 12.52 35.00 37.58
N VAL B 131 13.45 35.79 38.11
CA VAL B 131 14.83 35.75 37.65
C VAL B 131 15.58 34.67 38.42
N CYS B 132 16.24 33.77 37.69
CA CYS B 132 16.98 32.66 38.30
C CYS B 132 18.48 32.81 38.02
N ASP B 133 19.32 32.61 39.03
CA ASP B 133 20.75 32.86 38.89
C ASP B 133 21.55 31.57 38.69
N LEU B 134 20.87 30.42 38.72
CA LEU B 134 21.52 29.12 38.66
C LEU B 134 22.43 28.97 37.44
N GLY B 135 23.64 28.43 37.67
CA GLY B 135 24.56 28.07 36.60
C GLY B 135 24.09 26.81 35.88
N PRO B 136 24.73 26.49 34.74
CA PRO B 136 24.25 25.40 33.87
C PRO B 136 24.18 24.05 34.58
N GLU B 137 25.22 23.72 35.32
CA GLU B 137 25.27 22.43 36.02
C GLU B 137 24.11 22.33 37.00
N GLU B 138 23.84 23.40 37.74
CA GLU B 138 22.75 23.40 38.71
C GLU B 138 21.39 23.43 38.00
N MET B 139 21.28 24.27 36.98
CA MET B 139 20.03 24.40 36.24
C MET B 139 19.59 23.03 35.69
N ARG B 140 20.57 22.27 35.23
CA ARG B 140 20.32 20.93 34.68
C ARG B 140 19.95 19.95 35.78
N GLU B 141 20.69 19.98 36.88
CA GLU B 141 20.43 19.08 38.00
C GLU B 141 19.04 19.36 38.60
N TYR B 142 18.69 20.63 38.74
CA TYR B 142 17.41 21.03 39.31
C TYR B 142 16.23 20.66 38.41
N ARG B 143 16.46 20.64 37.10
CA ARG B 143 15.39 20.32 36.14
C ARG B 143 14.83 18.92 36.34
N GLY B 144 15.67 18.02 36.81
CA GLY B 144 15.26 16.63 36.96
C GLY B 144 15.14 15.93 35.62
N THR B 145 14.61 14.72 35.64
CA THR B 145 14.38 13.93 34.43
C THR B 145 12.90 13.59 34.31
N LEU B 146 12.55 12.90 33.24
CA LEU B 146 11.19 12.37 33.13
C LEU B 146 10.97 11.37 34.25
N THR B 147 12.06 10.73 34.68
CA THR B 147 12.02 9.73 35.74
C THR B 147 12.03 10.35 37.13
N GLU B 148 12.66 11.51 37.27
CA GLU B 148 12.79 12.17 38.58
C GLU B 148 12.31 13.61 38.58
N PRO B 149 11.34 13.93 39.46
CA PRO B 149 10.79 15.29 39.62
C PRO B 149 11.86 16.36 39.85
N GLY B 150 11.58 17.56 39.36
CA GLY B 150 12.51 18.66 39.49
C GLY B 150 12.42 19.35 40.83
N ARG B 151 13.31 20.31 41.06
CA ARG B 151 13.34 21.05 42.31
C ARG B 151 13.20 22.54 42.04
N ASN B 152 12.52 23.25 42.94
CA ASN B 152 12.38 24.69 42.80
C ASN B 152 13.73 25.38 42.89
N SER B 153 13.95 26.34 41.99
CA SER B 153 15.13 27.18 42.06
C SER B 153 15.22 27.85 43.43
N PRO B 154 16.44 28.04 43.95
CA PRO B 154 16.58 28.80 45.20
C PRO B 154 16.10 30.25 45.07
N TYR B 155 15.90 30.72 43.83
CA TYR B 155 15.51 32.11 43.59
C TYR B 155 14.02 32.24 43.25
N ARG B 156 13.30 31.12 43.35
CA ARG B 156 11.93 31.05 42.85
C ARG B 156 10.96 31.96 43.61
N ASP B 157 11.29 32.28 44.85
CA ASP B 157 10.40 33.12 45.67
C ASP B 157 10.88 34.55 45.78
N ARG B 158 11.76 34.97 44.88
CA ARG B 158 12.14 36.38 44.79
C ARG B 158 10.90 37.26 44.73
N SER B 159 11.00 38.47 45.27
CA SER B 159 9.85 39.37 45.26
C SER B 159 9.62 39.91 43.85
N VAL B 160 8.40 40.41 43.61
CA VAL B 160 8.09 41.04 42.34
C VAL B 160 9.08 42.19 42.11
N GLU B 161 9.29 42.98 43.16
CA GLU B 161 10.21 44.11 43.09
C GLU B 161 11.63 43.66 42.68
N GLU B 162 12.13 42.60 43.30
CA GLU B 162 13.47 42.12 42.99
C GLU B 162 13.55 41.58 41.56
N ASN B 163 12.53 40.81 41.15
CA ASN B 163 12.50 40.26 39.79
C ASN B 163 12.47 41.39 38.75
N LEU B 164 11.60 42.37 38.95
CA LEU B 164 11.50 43.50 38.04
C LEU B 164 12.85 44.24 37.91
N ASP B 165 13.49 44.47 39.04
CA ASP B 165 14.74 45.20 39.05
C ASP B 165 15.84 44.41 38.34
N LEU B 166 15.97 43.13 38.66
CA LEU B 166 16.99 42.30 38.03
C LEU B 166 16.73 42.16 36.52
N PHE B 167 15.48 41.95 36.14
CA PHE B 167 15.16 41.78 34.72
C PHE B 167 15.48 43.05 33.94
N ALA B 168 15.16 44.19 34.52
CA ALA B 168 15.46 45.48 33.91
C ALA B 168 16.96 45.64 33.74
N ARG B 169 17.72 45.21 34.75
CA ARG B 169 19.17 45.31 34.68
C ARG B 169 19.75 44.32 33.67
N MET B 170 19.15 43.15 33.52
CA MET B 170 19.53 42.21 32.44
C MET B 170 19.37 42.91 31.11
N LYS B 171 18.19 43.49 30.90
CA LYS B 171 17.88 44.15 29.62
C LYS B 171 18.84 45.30 29.36
N ALA B 172 19.29 45.98 30.42
CA ALA B 172 20.16 47.14 30.28
C ALA B 172 21.61 46.75 30.02
N GLY B 173 21.90 45.45 30.04
CA GLY B 173 23.22 44.96 29.71
C GLY B 173 24.23 44.94 30.84
N GLU B 174 23.74 44.94 32.08
CA GLU B 174 24.63 44.95 33.24
C GLU B 174 25.43 43.67 33.42
N PHE B 175 24.85 42.53 33.05
CA PHE B 175 25.43 41.23 33.36
C PHE B 175 25.97 40.48 32.13
N PRO B 176 27.01 39.64 32.33
CA PRO B 176 27.59 38.94 31.19
C PRO B 176 26.69 37.84 30.65
N ASP B 177 27.00 37.32 29.46
CA ASP B 177 26.26 36.20 28.87
C ASP B 177 26.01 35.11 29.91
N GLY B 178 24.76 34.64 30.01
CA GLY B 178 24.46 33.47 30.81
C GLY B 178 24.40 33.63 32.32
N ALA B 179 24.58 34.85 32.81
CA ALA B 179 24.68 35.09 34.26
C ALA B 179 23.36 34.83 35.01
N ARG B 180 22.25 35.11 34.35
CA ARG B 180 20.93 34.81 34.90
C ARG B 180 19.91 34.77 33.79
N SER B 181 18.74 34.20 34.09
CA SER B 181 17.68 34.10 33.10
C SER B 181 16.35 34.45 33.73
N LEU B 182 15.37 34.79 32.90
CA LEU B 182 13.99 34.92 33.35
C LEU B 182 13.31 33.59 33.07
N ARG B 183 12.61 33.06 34.06
CA ARG B 183 11.90 31.78 33.93
C ARG B 183 10.42 31.95 34.26
N ALA B 184 9.56 31.17 33.61
CA ALA B 184 8.16 31.13 34.01
C ALA B 184 8.08 30.40 35.33
N LYS B 185 7.07 30.73 36.13
CA LYS B 185 6.87 30.04 37.39
C LYS B 185 5.64 29.15 37.24
N ILE B 186 5.86 27.87 36.97
CA ILE B 186 4.75 26.96 36.71
C ILE B 186 4.79 25.79 37.71
N ASP B 187 5.44 24.69 37.36
CA ASP B 187 5.41 23.50 38.23
C ASP B 187 6.63 22.59 38.02
N MET B 188 7.60 22.66 38.92
CA MET B 188 8.79 21.80 38.83
C MET B 188 8.43 20.32 38.97
N GLY B 189 7.27 20.03 39.56
CA GLY B 189 6.85 18.66 39.73
C GLY B 189 6.05 18.09 38.57
N SER B 190 5.90 18.88 37.51
CA SER B 190 5.10 18.45 36.37
C SER B 190 5.73 17.25 35.68
N PRO B 191 4.90 16.29 35.25
CA PRO B 191 5.46 15.22 34.41
C PRO B 191 5.89 15.75 33.04
N ASN B 192 5.41 16.95 32.68
CA ASN B 192 5.80 17.59 31.42
C ASN B 192 7.04 18.45 31.67
N MET B 193 8.13 18.14 31.00
CA MET B 193 9.38 18.86 31.18
C MET B 193 9.25 20.34 30.81
N ASN B 194 8.36 20.66 29.86
CA ASN B 194 8.20 22.03 29.42
C ASN B 194 7.49 22.90 30.46
N LEU B 195 6.83 22.29 31.43
CA LEU B 195 6.14 23.07 32.45
C LEU B 195 7.01 23.27 33.69
N ARG B 196 8.25 22.76 33.66
CA ARG B 196 9.12 22.88 34.83
C ARG B 196 9.89 24.18 34.76
N ASP B 197 9.18 25.27 35.05
CA ASP B 197 9.72 26.62 35.04
C ASP B 197 10.63 26.88 33.82
N PRO B 198 10.06 26.84 32.61
CA PRO B 198 10.84 27.02 31.38
C PRO B 198 11.48 28.40 31.27
N ILE B 199 12.65 28.44 30.68
CA ILE B 199 13.33 29.70 30.46
C ILE B 199 12.56 30.57 29.44
N LEU B 200 12.49 31.86 29.73
CA LEU B 200 11.82 32.83 28.88
C LEU B 200 12.83 33.73 28.18
N TYR B 201 13.85 34.18 28.92
CA TYR B 201 14.90 35.04 28.37
C TYR B 201 16.28 34.62 28.83
N ARG B 202 17.25 34.72 27.94
CA ARG B 202 18.66 34.52 28.27
C ARG B 202 19.44 35.78 27.91
N ILE B 203 20.60 35.96 28.52
CA ILE B 203 21.46 37.10 28.21
C ILE B 203 22.42 36.68 27.13
N ARG B 204 22.47 37.44 26.06
CA ARG B 204 23.48 37.19 25.05
C ARG B 204 23.82 38.49 24.36
N HIS B 205 25.02 39.00 24.62
CA HIS B 205 25.52 40.18 23.96
C HIS B 205 25.99 39.83 22.54
N ALA B 206 25.12 40.03 21.57
CA ALA B 206 25.44 39.66 20.19
C ALA B 206 24.58 40.45 19.22
N HIS B 207 25.16 40.76 18.07
CA HIS B 207 24.54 41.54 17.00
C HIS B 207 23.46 40.72 16.30
N HIS B 208 22.25 41.28 16.22
CA HIS B 208 21.12 40.62 15.61
C HIS B 208 20.94 41.14 14.20
N HIS B 209 20.57 40.26 13.27
CA HIS B 209 20.51 40.66 11.86
C HIS B 209 19.47 41.74 11.62
N GLN B 210 18.38 41.71 12.37
CA GLN B 210 17.33 42.72 12.19
C GLN B 210 17.46 43.88 13.18
N THR B 211 17.72 43.57 14.44
CA THR B 211 17.65 44.60 15.47
C THR B 211 19.03 45.07 15.94
N GLY B 212 20.08 44.57 15.29
CA GLY B 212 21.42 45.01 15.60
C GLY B 212 21.86 44.77 17.03
N ASP B 213 22.40 45.82 17.65
CA ASP B 213 22.91 45.74 19.01
C ASP B 213 21.87 46.19 20.05
N LYS B 214 20.64 46.43 19.61
CA LYS B 214 19.61 46.96 20.49
C LYS B 214 19.31 46.05 21.68
N TRP B 215 19.30 44.74 21.46
CA TRP B 215 18.94 43.78 22.51
C TRP B 215 20.10 42.94 23.00
N CYS B 216 20.20 42.74 24.31
CA CYS B 216 21.15 41.74 24.82
C CYS B 216 20.43 40.68 25.65
N ILE B 217 19.10 40.71 25.65
CA ILE B 217 18.32 39.57 26.13
C ILE B 217 17.47 39.09 24.98
N TYR B 218 17.38 37.78 24.83
CA TYR B 218 16.66 37.19 23.72
C TYR B 218 15.68 36.13 24.23
N PRO B 219 14.49 36.07 23.62
CA PRO B 219 13.42 35.19 24.13
C PRO B 219 13.59 33.73 23.70
N SER B 220 13.03 32.80 24.45
CA SER B 220 13.12 31.38 24.10
C SER B 220 12.13 31.03 22.99
N TYR B 221 12.30 29.84 22.40
CA TYR B 221 11.38 29.32 21.40
C TYR B 221 9.95 29.35 21.90
N ASP B 222 9.73 28.82 23.09
CA ASP B 222 8.36 28.67 23.56
C ASP B 222 7.74 30.00 23.94
N PHE B 223 8.55 30.94 24.45
CA PHE B 223 7.97 32.22 24.79
C PHE B 223 7.64 33.02 23.52
N THR B 224 8.35 32.76 22.43
CA THR B 224 8.12 33.46 21.17
CA THR B 224 8.07 33.49 21.19
C THR B 224 6.95 32.86 20.36
N HIS B 225 6.92 31.54 20.32
CA HIS B 225 6.08 30.75 19.39
C HIS B 225 4.59 31.12 19.37
N GLY B 226 3.88 30.75 20.43
CA GLY B 226 2.47 31.08 20.51
C GLY B 226 2.13 32.56 20.61
N GLN B 227 3.05 33.36 21.15
CA GLN B 227 2.79 34.79 21.30
C GLN B 227 2.91 35.47 19.95
N SER B 228 3.88 35.04 19.13
CA SER B 228 3.92 35.44 17.72
C SER B 228 2.63 35.12 16.99
N ASP B 229 2.13 33.90 17.19
CA ASP B 229 0.87 33.47 16.58
C ASP B 229 -0.28 34.40 16.99
N ALA B 230 -0.35 34.71 18.27
CA ALA B 230 -1.40 35.59 18.78
C ALA B 230 -1.30 36.97 18.14
N ILE B 231 -0.10 37.54 18.13
CA ILE B 231 0.10 38.87 17.55
C ILE B 231 -0.37 38.90 16.09
N GLU B 232 -0.06 37.85 15.34
CA GLU B 232 -0.45 37.77 13.92
C GLU B 232 -1.87 37.36 13.65
N GLY B 233 -2.61 37.02 14.70
CA GLY B 233 -3.98 36.57 14.53
C GLY B 233 -4.07 35.24 13.81
N ILE B 234 -3.07 34.39 14.05
CA ILE B 234 -3.08 33.01 13.55
C ILE B 234 -4.30 32.27 14.12
N THR B 235 -4.97 31.47 13.29
CA THR B 235 -6.08 30.68 13.79
C THR B 235 -5.68 29.22 14.01
N HIS B 236 -4.89 28.69 13.08
CA HIS B 236 -4.44 27.30 13.14
C HIS B 236 -2.93 27.28 13.09
N SER B 237 -2.30 26.98 14.23
CA SER B 237 -0.85 26.95 14.34
C SER B 237 -0.37 25.52 14.16
N ILE B 238 0.26 25.24 13.02
CA ILE B 238 0.54 23.86 12.66
C ILE B 238 2.03 23.57 12.79
N CYS B 239 2.35 22.54 13.56
CA CYS B 239 3.74 22.12 13.74
C CYS B 239 3.83 20.60 13.69
N THR B 240 5.04 20.06 13.83
CA THR B 240 5.19 18.62 13.79
C THR B 240 4.96 17.99 15.16
N LEU B 241 4.85 16.67 15.19
CA LEU B 241 4.62 15.91 16.42
C LEU B 241 5.72 16.13 17.45
N GLU B 242 6.90 16.50 16.97
CA GLU B 242 8.03 16.73 17.85
C GLU B 242 7.72 17.82 18.89
N PHE B 243 6.69 18.63 18.63
CA PHE B 243 6.34 19.69 19.56
C PHE B 243 4.97 19.49 20.20
N GLU B 244 4.44 18.27 20.11
CA GLU B 244 3.17 17.97 20.74
C GLU B 244 3.22 18.19 22.26
N ASP B 245 4.32 17.82 22.91
CA ASP B 245 4.36 17.94 24.38
C ASP B 245 4.64 19.37 24.81
N HIS B 246 4.81 20.25 23.84
CA HIS B 246 4.93 21.68 24.12
C HIS B 246 3.56 22.35 24.23
N ARG B 247 2.51 21.68 23.75
CA ARG B 247 1.19 22.31 23.68
C ARG B 247 0.66 22.82 25.03
N PRO B 248 0.86 22.07 26.14
CA PRO B 248 0.42 22.63 27.42
C PRO B 248 1.08 23.96 27.78
N LEU B 249 2.34 24.14 27.38
CA LEU B 249 3.06 25.38 27.66
C LEU B 249 2.60 26.49 26.69
N TYR B 250 2.48 26.13 25.42
CA TYR B 250 1.83 26.99 24.42
C TYR B 250 0.51 27.54 24.97
N GLU B 251 -0.30 26.65 25.56
CA GLU B 251 -1.60 27.04 26.08
C GLU B 251 -1.51 27.81 27.40
N TRP B 252 -0.51 27.48 28.21
CA TRP B 252 -0.28 28.20 29.46
C TRP B 252 -0.02 29.69 29.20
N PHE B 253 0.86 29.97 28.24
CA PHE B 253 1.18 31.37 27.95
C PHE B 253 -0.08 32.13 27.52
N LEU B 254 -0.89 31.51 26.67
CA LEU B 254 -2.10 32.15 26.16
C LEU B 254 -3.12 32.40 27.27
N ALA B 255 -3.16 31.51 28.25
CA ALA B 255 -4.08 31.64 29.38
C ALA B 255 -3.62 32.68 30.39
N ASN B 256 -2.32 32.99 30.38
CA ASN B 256 -1.76 33.87 31.40
C ASN B 256 -1.21 35.19 30.89
N LEU B 257 -1.45 35.48 29.61
CA LEU B 257 -1.05 36.76 29.02
C LEU B 257 -2.24 37.46 28.36
N PRO B 258 -2.26 38.80 28.39
CA PRO B 258 -3.33 39.52 27.69
C PRO B 258 -3.12 39.52 26.19
N VAL B 259 -3.10 38.34 25.58
CA VAL B 259 -2.90 38.21 24.14
C VAL B 259 -4.15 38.66 23.39
N PRO B 260 -3.98 39.16 22.16
CA PRO B 260 -5.12 39.66 21.38
C PRO B 260 -5.92 38.58 20.66
N ALA B 261 -5.45 37.33 20.71
CA ALA B 261 -6.11 36.24 19.99
C ALA B 261 -5.75 34.92 20.63
N GLN B 262 -6.51 33.88 20.32
CA GLN B 262 -6.27 32.56 20.90
C GLN B 262 -6.00 31.52 19.81
N PRO B 263 -4.81 31.58 19.17
CA PRO B 263 -4.48 30.59 18.17
C PRO B 263 -4.46 29.19 18.78
N ARG B 264 -4.78 28.18 18.00
CA ARG B 264 -4.73 26.81 18.50
C ARG B 264 -3.65 26.01 17.75
N GLN B 265 -2.88 25.24 18.50
CA GLN B 265 -1.84 24.40 17.91
C GLN B 265 -2.35 23.02 17.50
N TYR B 266 -2.02 22.61 16.27
CA TYR B 266 -2.27 21.26 15.78
C TYR B 266 -0.96 20.64 15.33
N GLU B 267 -0.81 19.34 15.50
CA GLU B 267 0.45 18.68 15.15
C GLU B 267 0.25 17.56 14.15
N PHE B 268 1.16 17.48 13.18
CA PHE B 268 1.10 16.44 12.16
C PHE B 268 2.44 15.72 12.12
N SER B 269 2.46 14.51 11.56
CA SER B 269 3.69 13.73 11.48
C SER B 269 4.55 14.27 10.36
N ARG B 270 5.84 14.48 10.67
CA ARG B 270 6.78 15.01 9.69
C ARG B 270 6.94 14.03 8.54
N LEU B 271 7.39 14.55 7.39
CA LEU B 271 7.69 13.69 6.25
C LEU B 271 8.97 12.95 6.57
N ASN B 272 8.88 11.63 6.57
CA ASN B 272 10.06 10.81 6.76
C ASN B 272 10.24 9.91 5.54
N LEU B 273 11.01 10.36 4.55
CA LEU B 273 11.29 9.59 3.35
C LEU B 273 12.44 8.60 3.57
N ASN B 274 12.38 7.43 2.95
CA ASN B 274 13.51 6.53 3.05
C ASN B 274 14.55 6.96 2.02
N TYR B 275 15.70 6.28 2.02
CA TYR B 275 16.85 6.63 1.15
C TYR B 275 17.26 8.09 1.24
N THR B 276 16.91 8.74 2.35
CA THR B 276 17.02 10.19 2.45
C THR B 276 17.66 10.63 3.76
N VAL B 277 18.54 11.62 3.66
CA VAL B 277 19.07 12.32 4.82
C VAL B 277 18.61 13.78 4.75
N THR B 278 18.08 14.31 5.84
CA THR B 278 17.58 15.70 5.84
C THR B 278 18.20 16.52 6.98
N SER B 279 18.78 15.79 7.93
CA SER B 279 19.45 16.36 9.10
C SER B 279 20.56 17.36 8.79
N LYS B 280 20.52 18.50 9.49
CA LYS B 280 21.46 19.61 9.23
C LYS B 280 22.93 19.20 9.34
N ARG B 281 23.26 18.37 10.32
CA ARG B 281 24.64 17.96 10.56
CA ARG B 281 24.65 17.99 10.55
C ARG B 281 25.18 17.11 9.41
N LYS B 282 24.39 16.14 8.97
CA LYS B 282 24.83 15.21 7.95
C LYS B 282 24.82 15.81 6.56
N LEU B 283 23.85 16.66 6.24
CA LEU B 283 23.83 17.39 4.97
C LEU B 283 25.08 18.26 4.86
N LYS B 284 25.46 18.89 5.96
CA LYS B 284 26.61 19.78 5.99
C LYS B 284 27.88 19.01 5.69
N GLN B 285 27.99 17.81 6.24
CA GLN B 285 29.17 16.99 6.02
C GLN B 285 29.25 16.54 4.54
N LEU B 286 28.10 16.19 3.96
CA LEU B 286 28.02 15.83 2.54
C LEU B 286 28.58 16.94 1.65
N VAL B 287 28.22 18.17 1.96
CA VAL B 287 28.67 19.32 1.20
C VAL B 287 30.12 19.67 1.52
N ASP B 288 30.42 19.84 2.81
CA ASP B 288 31.75 20.30 3.23
C ASP B 288 32.86 19.32 2.83
N GLU B 289 32.56 18.02 2.75
CA GLU B 289 33.57 17.03 2.38
C GLU B 289 33.53 16.65 0.89
N GLY B 290 32.78 17.39 0.10
CA GLY B 290 32.73 17.16 -1.33
C GLY B 290 32.08 15.88 -1.82
N HIS B 291 31.21 15.28 -1.02
CA HIS B 291 30.44 14.14 -1.51
C HIS B 291 29.40 14.57 -2.54
N VAL B 292 29.02 15.84 -2.48
CA VAL B 292 28.16 16.45 -3.50
C VAL B 292 28.77 17.78 -3.89
N SER B 293 28.25 18.40 -4.94
CA SER B 293 28.87 19.61 -5.48
C SER B 293 28.52 20.86 -4.67
N GLY B 294 27.47 20.80 -3.88
CA GLY B 294 26.99 21.98 -3.19
C GLY B 294 25.62 21.69 -2.62
N TRP B 295 24.99 22.71 -2.03
CA TRP B 295 23.71 22.50 -1.41
C TRP B 295 22.61 22.19 -2.45
N ASP B 296 22.83 22.64 -3.68
CA ASP B 296 21.87 22.46 -4.77
C ASP B 296 22.27 21.37 -5.76
N ASP B 297 23.20 20.50 -5.35
CA ASP B 297 23.48 19.28 -6.12
C ASP B 297 22.17 18.54 -6.39
N PRO B 298 21.93 18.09 -7.65
CA PRO B 298 20.69 17.38 -8.01
C PRO B 298 20.44 16.09 -7.21
N ARG B 299 21.43 15.61 -6.46
CA ARG B 299 21.23 14.44 -5.61
C ARG B 299 20.84 14.83 -4.18
N MET B 300 20.99 16.10 -3.85
CA MET B 300 20.67 16.59 -2.50
C MET B 300 19.17 16.70 -2.33
N SER B 301 18.69 16.45 -1.11
CA SER B 301 17.27 16.54 -0.78
C SER B 301 16.81 17.94 -0.43
N THR B 302 17.63 18.94 -0.72
CA THR B 302 17.22 20.33 -0.65
C THR B 302 16.15 20.60 -1.69
N LEU B 303 15.31 21.60 -1.47
CA LEU B 303 14.36 21.99 -2.51
C LEU B 303 15.12 22.57 -3.72
N SER B 304 16.24 23.22 -3.45
CA SER B 304 17.10 23.73 -4.52
C SER B 304 17.68 22.58 -5.34
N GLY B 305 18.07 21.51 -4.65
CA GLY B 305 18.56 20.31 -5.30
C GLY B 305 17.48 19.65 -6.15
N TYR B 306 16.27 19.60 -5.61
CA TYR B 306 15.17 18.96 -6.31
C TYR B 306 14.82 19.72 -7.60
N ARG B 307 14.84 21.04 -7.50
CA ARG B 307 14.58 21.89 -8.65
C ARG B 307 15.65 21.70 -9.73
N ARG B 308 16.90 21.68 -9.29
CA ARG B 308 18.00 21.59 -10.25
C ARG B 308 18.00 20.21 -10.89
N ARG B 309 17.54 19.22 -10.14
CA ARG B 309 17.35 17.86 -10.64
C ARG B 309 16.31 17.81 -11.76
N GLY B 310 15.38 18.76 -11.74
CA GLY B 310 14.34 18.83 -12.75
C GLY B 310 12.94 18.49 -12.25
N TYR B 311 12.80 18.19 -10.95
CA TYR B 311 11.46 18.03 -10.39
C TYR B 311 10.66 19.31 -10.63
N THR B 312 9.35 19.16 -10.83
CA THR B 312 8.48 20.30 -11.05
C THR B 312 7.76 20.68 -9.76
N PRO B 313 7.34 21.94 -9.65
CA PRO B 313 6.52 22.30 -8.49
C PRO B 313 5.29 21.40 -8.41
N GLU B 314 4.67 21.12 -9.56
CA GLU B 314 3.49 20.25 -9.61
C GLU B 314 3.76 18.87 -9.02
N SER B 315 4.91 18.29 -9.37
CA SER B 315 5.19 16.93 -8.93
C SER B 315 5.37 16.88 -7.41
N ILE B 316 5.89 17.96 -6.84
CA ILE B 316 6.09 17.98 -5.39
C ILE B 316 4.74 18.21 -4.69
N ARG B 317 3.94 19.15 -5.21
CA ARG B 317 2.61 19.43 -4.70
CA ARG B 317 2.64 19.42 -4.63
C ARG B 317 1.70 18.21 -4.78
N ASN B 318 1.75 17.52 -5.92
CA ASN B 318 0.95 16.31 -6.13
C ASN B 318 1.32 15.22 -5.12
N PHE B 319 2.62 15.02 -4.95
CA PHE B 319 3.15 14.06 -3.97
C PHE B 319 2.67 14.39 -2.56
N CYS B 320 2.84 15.64 -2.14
CA CYS B 320 2.32 16.04 -0.83
C CYS B 320 0.81 15.80 -0.68
N GLU B 321 0.05 16.02 -1.75
CA GLU B 321 -1.38 15.77 -1.69
C GLU B 321 -1.69 14.28 -1.53
N MET B 322 -0.96 13.43 -2.27
CA MET B 322 -1.21 11.99 -2.24
C MET B 322 -0.90 11.32 -0.89
N ILE B 323 0.10 11.80 -0.18
CA ILE B 323 0.49 11.16 1.09
C ILE B 323 -0.41 11.59 2.24
N GLY B 324 -1.13 12.69 2.07
CA GLY B 324 -2.07 13.12 3.09
C GLY B 324 -1.41 13.70 4.31
N VAL B 325 -2.21 13.92 5.35
CA VAL B 325 -1.73 14.53 6.59
C VAL B 325 -2.37 13.80 7.75
N ASN B 326 -1.54 13.19 8.60
CA ASN B 326 -2.02 12.44 9.75
C ASN B 326 -1.14 12.72 10.95
N ARG B 327 -1.32 11.94 12.00
CA ARG B 327 -0.60 12.19 13.25
C ARG B 327 0.15 10.94 13.68
N ALA B 328 0.50 10.12 12.71
CA ALA B 328 1.25 8.90 13.00
C ALA B 328 2.58 8.90 12.25
N SER B 329 3.66 8.72 12.99
CA SER B 329 4.98 8.55 12.39
C SER B 329 4.96 7.36 11.44
N GLY B 330 5.79 7.41 10.40
CA GLY B 330 5.86 6.35 9.43
C GLY B 330 6.78 6.70 8.28
N VAL B 331 7.33 5.69 7.64
CA VAL B 331 8.22 5.93 6.50
C VAL B 331 7.39 5.97 5.22
N VAL B 332 7.70 6.95 4.37
CA VAL B 332 7.10 7.07 3.03
C VAL B 332 8.15 6.61 2.03
N ASP B 333 7.76 5.75 1.08
CA ASP B 333 8.74 5.27 0.12
C ASP B 333 9.02 6.34 -0.93
N ILE B 334 10.31 6.60 -1.17
CA ILE B 334 10.74 7.66 -2.05
C ILE B 334 10.30 7.37 -3.48
N GLY B 335 9.96 6.11 -3.75
CA GLY B 335 9.40 5.73 -5.03
C GLY B 335 8.10 6.44 -5.35
N MET B 336 7.37 6.88 -4.33
CA MET B 336 6.13 7.64 -4.56
C MET B 336 6.46 9.00 -5.14
N LEU B 337 7.56 9.58 -4.69
CA LEU B 337 8.01 10.88 -5.18
C LEU B 337 8.58 10.76 -6.59
N GLU B 338 9.39 9.74 -6.82
CA GLU B 338 9.86 9.42 -8.17
C GLU B 338 8.71 9.13 -9.11
N PHE B 339 7.70 8.40 -8.65
CA PHE B 339 6.51 8.20 -9.46
C PHE B 339 5.87 9.54 -9.80
N SER B 340 5.80 10.42 -8.81
CA SER B 340 5.14 11.69 -9.02
C SER B 340 5.76 12.49 -10.16
N ILE B 341 7.09 12.53 -10.25
CA ILE B 341 7.69 13.34 -11.32
C ILE B 341 7.59 12.58 -12.65
N ARG B 342 7.71 11.26 -12.62
N ARG B 342 7.70 11.26 -12.59
CA ARG B 342 7.47 10.47 -13.83
CA ARG B 342 7.50 10.40 -13.75
C ARG B 342 6.10 10.76 -14.40
C ARG B 342 6.11 10.60 -14.38
N ASP B 343 5.10 10.68 -13.53
CA ASP B 343 3.71 10.83 -13.96
C ASP B 343 3.46 12.20 -14.57
N HIS B 344 3.95 13.25 -13.92
CA HIS B 344 3.78 14.62 -14.43
C HIS B 344 4.51 14.82 -15.78
N LEU B 345 5.75 14.35 -15.88
CA LEU B 345 6.51 14.58 -17.11
C LEU B 345 6.03 13.69 -18.26
N ASP B 346 5.62 12.47 -17.95
CA ASP B 346 4.93 11.62 -18.92
C ASP B 346 3.80 12.41 -19.58
N ALA B 347 2.99 13.07 -18.76
CA ALA B 347 1.81 13.78 -19.21
C ALA B 347 2.12 15.10 -19.93
N THR B 348 3.19 15.77 -19.52
CA THR B 348 3.36 17.17 -19.95
C THR B 348 4.63 17.51 -20.71
N ALA B 349 5.68 16.69 -20.59
CA ALA B 349 6.96 17.05 -21.21
C ALA B 349 7.05 16.64 -22.69
N PRO B 350 7.68 17.50 -23.53
CA PRO B 350 7.92 17.15 -24.93
C PRO B 350 8.93 16.02 -25.10
N ARG B 351 8.80 15.28 -26.20
CA ARG B 351 9.68 14.14 -26.50
C ARG B 351 10.85 14.56 -27.37
N ALA B 352 12.00 13.91 -27.19
CA ALA B 352 13.16 14.17 -28.02
C ALA B 352 14.09 12.98 -27.98
N MET B 353 15.04 12.94 -28.90
CA MET B 353 15.98 11.84 -28.99
C MET B 353 17.38 12.35 -28.72
N CYS B 354 18.09 11.66 -27.83
CA CYS B 354 19.46 12.01 -27.53
C CYS B 354 20.25 10.72 -27.43
N VAL B 355 21.30 10.62 -28.22
CA VAL B 355 22.11 9.40 -28.25
C VAL B 355 23.25 9.55 -27.25
N LEU B 356 23.21 8.77 -26.17
CA LEU B 356 24.13 9.01 -25.06
C LEU B 356 25.51 8.43 -25.34
N LYS B 357 25.54 7.31 -26.06
CA LYS B 357 26.78 6.60 -26.36
C LYS B 357 26.83 6.39 -27.86
N PRO B 358 27.25 7.43 -28.60
CA PRO B 358 27.06 7.44 -30.05
C PRO B 358 27.93 6.48 -30.81
N LEU B 359 27.32 5.92 -31.85
CA LEU B 359 27.97 5.04 -32.80
C LEU B 359 27.61 5.55 -34.18
N LYS B 360 28.63 5.88 -34.96
CA LYS B 360 28.43 6.38 -36.33
CA LYS B 360 28.43 6.37 -36.33
C LYS B 360 27.79 5.31 -37.22
N VAL B 361 26.73 5.70 -37.94
CA VAL B 361 26.04 4.85 -38.87
C VAL B 361 26.09 5.48 -40.24
N VAL B 362 26.35 4.65 -41.25
CA VAL B 362 26.29 5.09 -42.64
C VAL B 362 25.16 4.30 -43.30
N ILE B 363 24.20 5.00 -43.88
CA ILE B 363 23.16 4.33 -44.66
C ILE B 363 23.64 4.15 -46.10
N THR B 364 24.09 2.94 -46.44
CA THR B 364 24.85 2.73 -47.66
C THR B 364 24.08 2.99 -48.95
N ASN B 365 22.75 2.84 -48.92
CA ASN B 365 21.98 3.11 -50.13
C ASN B 365 21.27 4.45 -50.04
N TYR B 366 21.70 5.30 -49.11
CA TYR B 366 21.19 6.66 -49.10
C TYR B 366 22.16 7.59 -49.81
N PRO B 367 21.69 8.23 -50.88
CA PRO B 367 22.50 9.15 -51.67
C PRO B 367 23.19 10.21 -50.81
N GLU B 368 24.51 10.28 -50.94
CA GLU B 368 25.29 11.25 -50.20
C GLU B 368 24.91 12.66 -50.64
N GLY B 369 24.84 13.58 -49.67
CA GLY B 369 24.44 14.94 -49.94
C GLY B 369 22.94 15.17 -50.05
N GLN B 370 22.15 14.13 -49.81
CA GLN B 370 20.70 14.22 -49.87
C GLN B 370 20.13 14.19 -48.45
N VAL B 371 18.97 14.81 -48.25
CA VAL B 371 18.38 14.83 -46.92
C VAL B 371 16.85 14.79 -47.02
N GLU B 372 16.26 14.18 -46.00
CA GLU B 372 14.82 14.04 -45.83
C GLU B 372 14.42 14.66 -44.50
N ASN B 373 13.54 15.66 -44.50
CA ASN B 373 13.18 16.26 -43.21
C ASN B 373 11.95 15.60 -42.59
N LEU B 374 12.18 14.58 -41.75
CA LEU B 374 11.10 13.88 -41.08
C LEU B 374 10.52 14.75 -39.97
N GLU B 375 9.21 14.67 -39.76
CA GLU B 375 8.57 15.44 -38.68
C GLU B 375 7.97 14.51 -37.63
N LEU B 376 8.46 14.63 -36.40
CA LEU B 376 8.06 13.76 -35.31
C LEU B 376 7.33 14.59 -34.28
N PRO B 377 6.21 14.09 -33.76
CA PRO B 377 5.39 14.85 -32.82
C PRO B 377 6.12 15.07 -31.50
N ARG B 378 5.94 16.23 -30.89
CA ARG B 378 6.59 16.50 -29.60
C ARG B 378 5.89 15.75 -28.48
N HIS B 379 4.68 15.25 -28.75
CA HIS B 379 3.96 14.48 -27.72
C HIS B 379 2.96 13.54 -28.38
N PRO B 380 2.89 12.30 -27.88
CA PRO B 380 1.98 11.30 -28.46
C PRO B 380 0.50 11.56 -28.19
N LYS B 381 0.19 12.51 -27.31
CA LYS B 381 -1.20 12.77 -26.93
C LYS B 381 -1.57 14.26 -26.98
N GLU B 382 -0.67 15.12 -26.53
CA GLU B 382 -0.94 16.56 -26.50
C GLU B 382 -0.64 17.20 -27.86
N ASP B 383 -1.25 18.36 -28.09
CA ASP B 383 -1.02 19.13 -29.31
C ASP B 383 0.18 20.05 -29.10
N MET B 384 1.39 19.50 -29.20
CA MET B 384 2.58 20.25 -28.82
C MET B 384 3.49 20.62 -29.99
N GLY B 385 3.06 20.32 -31.22
CA GLY B 385 3.84 20.63 -32.41
C GLY B 385 4.72 19.48 -32.83
N VAL B 386 5.70 19.74 -33.71
CA VAL B 386 6.63 18.69 -34.14
C VAL B 386 8.09 19.13 -34.04
N ARG B 387 9.00 18.15 -34.08
CA ARG B 387 10.43 18.41 -34.23
C ARG B 387 10.79 18.02 -35.66
N VAL B 388 11.74 18.74 -36.24
CA VAL B 388 12.24 18.35 -37.55
C VAL B 388 13.52 17.54 -37.40
N LEU B 389 13.52 16.34 -37.99
CA LEU B 389 14.66 15.41 -37.93
C LEU B 389 15.18 15.14 -39.33
N PRO B 390 16.31 15.76 -39.69
CA PRO B 390 16.88 15.54 -41.02
C PRO B 390 17.37 14.09 -41.10
N PHE B 391 16.88 13.32 -42.05
CA PHE B 391 17.34 11.94 -42.22
C PHE B 391 18.22 11.89 -43.46
N GLY B 392 19.31 11.13 -43.39
CA GLY B 392 20.22 11.03 -44.51
C GLY B 392 21.25 9.93 -44.31
N ARG B 393 22.33 10.01 -45.09
CA ARG B 393 23.35 8.96 -45.12
C ARG B 393 24.08 8.79 -43.79
N GLU B 394 24.30 9.88 -43.06
CA GLU B 394 25.07 9.81 -41.83
C GLU B 394 24.26 10.03 -40.56
N LEU B 395 24.24 9.02 -39.70
CA LEU B 395 23.46 9.05 -38.46
C LEU B 395 24.31 8.67 -37.25
N PHE B 396 23.75 8.87 -36.06
CA PHE B 396 24.27 8.25 -34.85
C PHE B 396 23.17 7.42 -34.22
N ILE B 397 23.53 6.25 -33.72
CA ILE B 397 22.68 5.46 -32.85
C ILE B 397 23.51 5.13 -31.62
N ASP B 398 22.84 4.66 -30.58
CA ASP B 398 23.53 4.27 -29.36
C ASP B 398 24.28 2.95 -29.62
N ALA B 399 25.54 2.89 -29.17
CA ALA B 399 26.38 1.74 -29.39
C ALA B 399 25.77 0.49 -28.77
N GLY B 400 24.95 0.70 -27.75
CA GLY B 400 24.26 -0.39 -27.07
C GLY B 400 23.18 -1.06 -27.92
N ASP B 401 22.77 -0.41 -29.00
CA ASP B 401 21.73 -0.94 -29.87
C ASP B 401 22.27 -1.72 -31.05
N PHE B 402 23.53 -2.10 -30.98
CA PHE B 402 24.05 -3.14 -31.88
C PHE B 402 24.88 -4.13 -31.08
N GLU B 403 24.71 -5.41 -31.35
CA GLU B 403 25.57 -6.43 -30.75
C GLU B 403 25.95 -7.48 -31.77
N GLU B 404 27.24 -7.79 -31.87
CA GLU B 404 27.70 -8.85 -32.76
C GLU B 404 27.27 -10.19 -32.22
N VAL B 405 27.29 -10.31 -30.90
CA VAL B 405 26.86 -11.51 -30.20
C VAL B 405 25.72 -11.14 -29.24
N PRO B 406 24.49 -11.12 -29.74
CA PRO B 406 23.35 -10.69 -28.91
C PRO B 406 23.04 -11.65 -27.77
N PRO B 407 22.65 -11.12 -26.61
CA PRO B 407 22.16 -11.95 -25.51
C PRO B 407 20.76 -12.42 -25.84
N ALA B 408 20.25 -13.42 -25.11
CA ALA B 408 18.91 -13.92 -25.36
C ALA B 408 17.88 -12.80 -25.23
N GLY B 409 16.95 -12.75 -26.17
CA GLY B 409 15.87 -11.78 -26.13
C GLY B 409 16.21 -10.39 -26.63
N TYR B 410 17.40 -10.24 -27.19
CA TYR B 410 17.86 -8.95 -27.72
C TYR B 410 16.97 -8.50 -28.88
N LYS B 411 16.53 -7.25 -28.85
CA LYS B 411 15.55 -6.80 -29.83
C LYS B 411 16.08 -5.73 -30.79
N ARG B 412 17.33 -5.31 -30.60
CA ARG B 412 17.88 -4.28 -31.47
C ARG B 412 18.68 -4.86 -32.64
N LEU B 413 19.71 -4.14 -33.09
CA LEU B 413 20.45 -4.56 -34.28
C LEU B 413 21.47 -5.66 -34.03
N ILE B 414 21.50 -6.65 -34.93
CA ILE B 414 22.51 -7.71 -34.96
C ILE B 414 23.03 -7.82 -36.40
N PRO B 415 24.18 -8.50 -36.62
CA PRO B 415 24.66 -8.66 -38.00
C PRO B 415 23.62 -9.28 -38.91
N GLY B 416 23.41 -8.65 -40.07
CA GLY B 416 22.42 -9.10 -41.03
C GLY B 416 20.97 -8.84 -40.64
N GLY B 417 20.74 -8.35 -39.43
CA GLY B 417 19.38 -8.10 -38.93
C GLY B 417 18.87 -6.67 -39.02
N GLU B 418 17.57 -6.49 -38.80
CA GLU B 418 16.93 -5.18 -38.94
C GLU B 418 16.47 -4.54 -37.62
N VAL B 419 16.21 -3.25 -37.67
CA VAL B 419 15.62 -2.53 -36.53
C VAL B 419 14.87 -1.33 -37.11
N ARG B 420 13.80 -0.90 -36.46
CA ARG B 420 13.18 0.35 -36.88
C ARG B 420 13.80 1.55 -36.19
N LEU B 421 14.09 2.58 -36.97
CA LEU B 421 14.46 3.88 -36.43
C LEU B 421 13.18 4.64 -36.15
N ARG B 422 13.06 5.16 -34.93
CA ARG B 422 11.84 5.82 -34.46
C ARG B 422 11.41 6.93 -35.43
N GLY B 423 10.17 6.87 -35.89
CA GLY B 423 9.62 7.86 -36.78
C GLY B 423 10.29 7.88 -38.14
N SER B 424 11.02 6.82 -38.45
CA SER B 424 11.86 6.80 -39.64
C SER B 424 11.79 5.41 -40.30
N TYR B 425 12.86 5.03 -40.97
CA TYR B 425 12.85 3.79 -41.77
C TYR B 425 13.36 2.57 -41.01
N VAL B 426 13.11 1.40 -41.57
CA VAL B 426 13.75 0.15 -41.15
C VAL B 426 15.14 0.05 -41.78
N ILE B 427 16.18 -0.16 -40.95
CA ILE B 427 17.54 -0.33 -41.48
C ILE B 427 18.10 -1.69 -41.14
N ARG B 428 19.14 -2.10 -41.85
CA ARG B 428 19.72 -3.44 -41.69
C ARG B 428 21.22 -3.33 -41.50
N ALA B 429 21.75 -3.96 -40.47
CA ALA B 429 23.18 -3.89 -40.19
C ALA B 429 23.97 -4.73 -41.19
N ASP B 430 24.70 -4.09 -42.10
CA ASP B 430 25.32 -4.85 -43.19
C ASP B 430 26.83 -5.03 -43.04
N GLU B 431 27.52 -4.12 -42.34
CA GLU B 431 28.94 -4.30 -42.04
C GLU B 431 29.38 -3.45 -40.85
N ALA B 432 30.00 -4.11 -39.87
CA ALA B 432 30.58 -3.44 -38.73
C ALA B 432 32.06 -3.13 -39.01
N ILE B 433 32.42 -1.85 -38.95
CA ILE B 433 33.81 -1.46 -39.20
C ILE B 433 34.54 -1.39 -37.87
N LYS B 434 35.70 -2.03 -37.77
CA LYS B 434 36.47 -2.04 -36.53
C LYS B 434 37.84 -1.39 -36.67
N ASP B 435 38.31 -0.78 -35.58
CA ASP B 435 39.67 -0.24 -35.52
C ASP B 435 40.65 -1.37 -35.20
N ALA B 436 41.93 -1.04 -35.10
CA ALA B 436 42.98 -2.02 -34.83
C ALA B 436 42.80 -2.73 -33.48
N ASP B 437 42.04 -2.11 -32.58
CA ASP B 437 41.83 -2.69 -31.25
C ASP B 437 40.55 -3.51 -31.13
N GLY B 438 39.86 -3.71 -32.25
CA GLY B 438 38.62 -4.49 -32.25
C GLY B 438 37.37 -3.72 -31.89
N ASN B 439 37.51 -2.42 -31.66
CA ASN B 439 36.35 -1.57 -31.35
C ASN B 439 35.55 -1.26 -32.61
N ILE B 440 34.23 -1.33 -32.51
CA ILE B 440 33.34 -0.95 -33.61
C ILE B 440 33.29 0.57 -33.70
N VAL B 441 33.69 1.13 -34.84
CA VAL B 441 33.73 2.58 -34.97
C VAL B 441 32.69 3.08 -35.98
N GLU B 442 32.15 2.16 -36.76
CA GLU B 442 31.13 2.51 -37.74
C GLU B 442 30.26 1.31 -38.06
N LEU B 443 28.97 1.54 -38.18
CA LEU B 443 28.06 0.49 -38.60
C LEU B 443 27.48 0.89 -39.94
N ARG B 444 27.76 0.10 -40.97
CA ARG B 444 27.25 0.41 -42.29
C ARG B 444 25.98 -0.37 -42.51
N CYS B 445 24.90 0.34 -42.82
CA CYS B 445 23.56 -0.23 -42.82
C CYS B 445 22.85 0.14 -44.13
N SER B 446 21.98 -0.74 -44.61
CA SER B 446 21.09 -0.36 -45.71
C SER B 446 19.72 -0.02 -45.12
N TYR B 447 18.95 0.79 -45.83
CA TYR B 447 17.59 1.08 -45.37
C TYR B 447 16.60 0.62 -46.43
N ASP B 448 15.38 0.34 -45.99
CA ASP B 448 14.30 -0.07 -46.87
C ASP B 448 13.41 1.14 -47.10
N PRO B 449 13.50 1.72 -48.30
CA PRO B 449 12.78 2.97 -48.60
C PRO B 449 11.26 2.80 -48.66
N ASP B 450 10.76 1.57 -48.56
CA ASP B 450 9.33 1.35 -48.58
C ASP B 450 8.76 1.32 -47.16
N THR B 451 9.57 1.68 -46.16
CA THR B 451 9.11 1.45 -44.78
C THR B 451 8.81 2.70 -43.94
N LEU B 452 8.76 3.88 -44.55
CA LEU B 452 8.41 5.06 -43.77
C LEU B 452 6.93 4.98 -43.39
N GLY B 453 6.67 4.85 -42.10
CA GLY B 453 5.30 4.76 -41.58
C GLY B 453 4.56 3.51 -42.00
N LYS B 454 5.32 2.50 -42.43
CA LYS B 454 4.77 1.24 -42.94
CA LYS B 454 4.73 1.23 -42.83
C LYS B 454 5.68 0.08 -42.54
N ASN B 455 5.11 -1.04 -42.12
CA ASN B 455 5.92 -2.21 -41.82
C ASN B 455 6.26 -2.92 -43.12
N PRO B 456 7.45 -3.51 -43.20
CA PRO B 456 7.83 -4.24 -44.42
C PRO B 456 6.93 -5.45 -44.66
N GLU B 457 6.58 -5.68 -45.91
CA GLU B 457 5.72 -6.80 -46.26
C GLU B 457 6.48 -8.12 -46.20
N GLY B 458 5.89 -9.10 -45.53
CA GLY B 458 6.43 -10.45 -45.51
C GLY B 458 7.46 -10.77 -44.45
N ARG B 459 7.81 -9.79 -43.63
CA ARG B 459 8.80 -10.01 -42.57
C ARG B 459 8.54 -9.09 -41.39
N LYS B 460 9.07 -9.47 -40.23
CA LYS B 460 8.84 -8.70 -39.01
C LYS B 460 10.16 -8.11 -38.49
N VAL B 461 10.02 -6.97 -37.80
CA VAL B 461 11.14 -6.26 -37.21
C VAL B 461 10.88 -6.16 -35.71
N LYS B 462 11.79 -6.72 -34.90
CA LYS B 462 11.55 -6.89 -33.47
C LYS B 462 11.55 -5.59 -32.68
N GLY B 463 12.43 -4.66 -33.04
CA GLY B 463 12.70 -3.53 -32.19
C GLY B 463 12.58 -2.16 -32.84
N VAL B 464 12.60 -1.13 -31.98
CA VAL B 464 12.61 0.26 -32.43
C VAL B 464 13.68 0.97 -31.61
N ILE B 465 14.55 1.76 -32.25
CA ILE B 465 15.54 2.53 -31.50
C ILE B 465 15.51 4.01 -31.86
N HIS B 466 16.02 4.83 -30.95
CA HIS B 466 16.18 6.25 -31.22
C HIS B 466 17.48 6.47 -31.99
N TRP B 467 17.67 7.69 -32.47
CA TRP B 467 18.73 7.99 -33.42
C TRP B 467 18.75 9.49 -33.64
N VAL B 468 19.85 10.02 -34.18
CA VAL B 468 19.91 11.43 -34.57
C VAL B 468 20.71 11.52 -35.85
N PRO B 469 20.45 12.56 -36.66
CA PRO B 469 21.35 12.77 -37.79
C PRO B 469 22.74 13.18 -37.31
N ALA B 470 23.78 12.78 -38.02
CA ALA B 470 25.13 13.19 -37.65
C ALA B 470 25.23 14.70 -37.84
N GLU B 471 24.78 15.15 -39.01
CA GLU B 471 24.85 16.56 -39.37
C GLU B 471 23.64 17.30 -38.81
N GLY B 472 23.87 18.11 -37.79
CA GLY B 472 22.80 18.82 -37.12
C GLY B 472 22.63 18.39 -35.67
N SER B 473 23.19 17.23 -35.31
CA SER B 473 23.13 16.78 -33.94
C SER B 473 23.91 17.75 -33.06
N VAL B 474 23.45 17.91 -31.82
CA VAL B 474 24.06 18.83 -30.88
C VAL B 474 24.94 18.06 -29.90
N GLU B 475 26.23 18.34 -29.91
CA GLU B 475 27.12 17.68 -28.96
C GLU B 475 26.88 18.25 -27.57
N CYS B 476 26.68 17.38 -26.58
CA CYS B 476 26.32 17.89 -25.26
C CYS B 476 26.79 16.97 -24.14
N GLU B 477 26.89 17.55 -22.95
CA GLU B 477 27.16 16.80 -21.74
C GLU B 477 25.85 16.37 -21.11
N VAL B 478 25.80 15.10 -20.68
CA VAL B 478 24.62 14.55 -20.03
C VAL B 478 25.04 13.92 -18.70
N ARG B 479 24.38 14.37 -17.62
CA ARG B 479 24.64 13.87 -16.27
C ARG B 479 23.54 12.90 -15.82
N LEU B 480 23.91 11.64 -15.68
CA LEU B 480 22.98 10.62 -15.26
C LEU B 480 22.97 10.56 -13.74
N TYR B 481 21.88 11.01 -13.14
CA TYR B 481 21.75 11.01 -11.69
C TYR B 481 20.91 9.81 -11.20
N ASP B 482 21.22 9.32 -10.01
CA ASP B 482 20.38 8.36 -9.29
C ASP B 482 20.45 8.65 -7.80
N ARG B 483 19.80 7.82 -6.98
CA ARG B 483 19.69 8.06 -5.54
C ARG B 483 21.07 8.19 -4.88
N LEU B 484 21.24 9.21 -4.06
CA LEU B 484 22.52 9.44 -3.40
C LEU B 484 22.88 8.28 -2.47
N PHE B 485 21.87 7.66 -1.87
CA PHE B 485 22.11 6.56 -0.93
C PHE B 485 21.53 5.26 -1.45
N ARG B 486 22.19 4.15 -1.15
CA ARG B 486 21.77 2.91 -1.76
C ARG B 486 21.01 2.02 -0.79
N SER B 487 20.78 2.52 0.43
CA SER B 487 20.01 1.77 1.40
C SER B 487 18.87 2.64 1.93
N ALA B 488 17.81 1.99 2.41
CA ALA B 488 16.56 2.66 2.74
C ALA B 488 16.73 3.60 3.93
N ASN B 489 17.48 3.16 4.92
CA ASN B 489 17.79 3.97 6.10
C ASN B 489 19.28 4.28 6.13
N PRO B 490 19.71 5.30 5.36
CA PRO B 490 21.15 5.59 5.22
C PRO B 490 21.85 5.88 6.53
N GLU B 491 21.17 6.56 7.44
CA GLU B 491 21.81 6.95 8.70
C GLU B 491 22.11 5.73 9.57
N LYS B 492 21.58 4.57 9.19
CA LYS B 492 21.85 3.32 9.88
C LYS B 492 23.04 2.60 9.28
N ALA B 493 24.15 2.55 10.02
CA ALA B 493 25.36 1.88 9.55
C ALA B 493 25.83 0.81 10.53
N GLU B 494 26.81 0.01 10.10
CA GLU B 494 27.40 -1.01 10.97
C GLU B 494 28.22 -0.34 12.06
N GLU B 495 28.57 -1.12 13.09
CA GLU B 495 29.39 -0.61 14.19
C GLU B 495 30.69 -0.03 13.66
N GLY B 496 31.06 1.15 14.14
CA GLY B 496 32.27 1.81 13.70
C GLY B 496 32.15 2.54 12.37
N GLY B 497 31.07 2.29 11.63
CA GLY B 497 30.85 2.94 10.36
C GLY B 497 30.03 4.22 10.47
N SER B 498 29.77 4.86 9.33
CA SER B 498 28.95 6.06 9.31
C SER B 498 28.00 6.03 8.12
N PHE B 499 27.12 7.02 8.02
CA PHE B 499 26.14 7.06 6.95
C PHE B 499 26.83 7.19 5.59
N LEU B 500 28.08 7.68 5.57
CA LEU B 500 28.81 7.80 4.31
C LEU B 500 29.07 6.45 3.66
N ASP B 501 29.08 5.39 4.48
CA ASP B 501 29.24 4.03 3.97
C ASP B 501 28.08 3.62 3.07
N ASN B 502 26.94 4.31 3.17
CA ASN B 502 25.74 3.93 2.44
C ASN B 502 25.57 4.73 1.15
N ILE B 503 26.60 5.50 0.79
CA ILE B 503 26.54 6.31 -0.42
C ILE B 503 26.51 5.42 -1.67
N ASN B 504 25.62 5.76 -2.60
CA ASN B 504 25.54 5.08 -3.89
C ASN B 504 26.63 5.55 -4.83
N ALA B 505 27.60 4.68 -5.12
CA ALA B 505 28.71 5.02 -6.00
C ALA B 505 28.25 5.26 -7.43
N ASP B 506 27.04 4.81 -7.74
CA ASP B 506 26.48 5.04 -9.07
C ASP B 506 25.49 6.21 -9.09
N SER B 507 25.65 7.17 -8.16
CA SER B 507 24.68 8.25 -8.05
C SER B 507 24.92 9.31 -9.11
N LEU B 508 26.12 9.36 -9.67
CA LEU B 508 26.42 10.30 -10.76
C LEU B 508 27.33 9.68 -11.79
N GLN B 509 26.90 9.75 -13.04
CA GLN B 509 27.73 9.42 -14.17
C GLN B 509 27.69 10.58 -15.16
N VAL B 510 28.85 11.16 -15.43
CA VAL B 510 28.94 12.27 -16.37
C VAL B 510 29.34 11.73 -17.73
N LEU B 511 28.49 11.93 -18.74
CA LEU B 511 28.82 11.53 -20.11
C LEU B 511 29.16 12.76 -20.95
N ALA B 512 30.27 12.69 -21.67
CA ALA B 512 30.64 13.76 -22.58
C ALA B 512 30.39 13.30 -24.02
N GLY B 513 30.13 14.24 -24.90
CA GLY B 513 30.09 13.93 -26.32
C GLY B 513 28.81 13.25 -26.76
N CYS B 514 27.76 13.37 -25.94
CA CYS B 514 26.45 12.86 -26.32
C CYS B 514 25.92 13.64 -27.52
N ARG B 515 25.04 13.03 -28.28
CA ARG B 515 24.52 13.61 -29.53
C ARG B 515 23.00 13.80 -29.47
N ALA B 516 22.57 15.04 -29.25
CA ALA B 516 21.16 15.38 -29.12
C ALA B 516 20.57 15.75 -30.48
N GLU B 517 19.28 15.50 -30.67
CA GLU B 517 18.65 15.86 -31.94
C GLU B 517 18.69 17.39 -32.10
N PRO B 518 18.68 17.89 -33.35
CA PRO B 518 18.87 19.32 -33.60
C PRO B 518 17.98 20.24 -32.76
N SER B 519 16.72 19.85 -32.60
CA SER B 519 15.73 20.66 -31.87
C SER B 519 16.15 20.96 -30.43
N LEU B 520 17.03 20.15 -29.87
CA LEU B 520 17.50 20.37 -28.51
C LEU B 520 18.55 21.46 -28.46
N GLY B 521 19.06 21.86 -29.62
CA GLY B 521 19.90 23.04 -29.71
C GLY B 521 19.16 24.33 -29.41
N GLN B 522 17.84 24.26 -29.28
CA GLN B 522 17.04 25.43 -28.95
C GLN B 522 16.47 25.30 -27.54
N ALA B 523 16.95 24.31 -26.79
CA ALA B 523 16.48 24.13 -25.43
C ALA B 523 16.98 25.26 -24.55
N ASN B 524 16.12 25.72 -23.67
CA ASN B 524 16.46 26.79 -22.74
C ASN B 524 16.64 26.22 -21.34
N PRO B 525 17.37 26.91 -20.46
CA PRO B 525 17.53 26.41 -19.08
C PRO B 525 16.20 26.05 -18.44
N GLU B 526 16.19 24.88 -17.79
CA GLU B 526 15.02 24.31 -17.13
C GLU B 526 13.95 23.75 -18.08
N ASP B 527 14.22 23.71 -19.39
CA ASP B 527 13.35 22.94 -20.27
C ASP B 527 13.45 21.46 -19.93
N ARG B 528 12.30 20.80 -19.84
CA ARG B 528 12.24 19.37 -19.52
C ARG B 528 11.82 18.55 -20.76
N PHE B 529 12.27 17.29 -20.82
CA PHE B 529 12.01 16.43 -21.99
C PHE B 529 11.94 15.00 -21.54
N GLN B 530 11.23 14.20 -22.32
CA GLN B 530 11.43 12.75 -22.26
C GLN B 530 12.40 12.43 -23.38
N PHE B 531 13.63 12.03 -23.01
CA PHE B 531 14.57 11.48 -23.98
C PHE B 531 14.18 10.02 -24.26
N GLU B 532 13.80 9.74 -25.51
CA GLU B 532 13.31 8.41 -25.89
C GLU B 532 14.23 7.29 -25.41
N ARG B 533 13.63 6.29 -24.76
CA ARG B 533 14.33 5.12 -24.23
C ARG B 533 15.45 5.43 -23.23
N GLU B 534 15.51 6.64 -22.71
CA GLU B 534 16.56 6.96 -21.74
C GLU B 534 16.02 7.51 -20.41
N GLY B 535 14.92 8.27 -20.45
CA GLY B 535 14.38 8.84 -19.23
C GLY B 535 13.91 10.27 -19.38
N TYR B 536 13.70 10.94 -18.26
CA TYR B 536 13.29 12.36 -18.30
C TYR B 536 14.45 13.23 -17.89
N PHE B 537 14.64 14.31 -18.63
CA PHE B 537 15.84 15.13 -18.50
C PHE B 537 15.46 16.61 -18.41
N VAL B 538 16.32 17.39 -17.74
CA VAL B 538 16.15 18.83 -17.71
C VAL B 538 17.44 19.49 -18.23
N ALA B 539 17.30 20.63 -18.91
CA ALA B 539 18.48 21.45 -19.22
C ALA B 539 18.88 22.19 -17.96
N ASP B 540 20.05 21.83 -17.44
CA ASP B 540 20.51 22.36 -16.15
C ASP B 540 20.43 23.87 -16.07
N LEU B 541 19.86 24.41 -14.99
CA LEU B 541 19.57 25.85 -14.94
C LEU B 541 20.83 26.68 -14.85
N LYS B 542 21.92 26.13 -14.30
CA LYS B 542 23.15 26.89 -14.21
C LYS B 542 24.08 26.70 -15.42
N ASP B 543 24.18 25.48 -15.91
CA ASP B 543 25.25 25.13 -16.86
C ASP B 543 24.82 25.15 -18.33
N SER B 544 23.51 25.16 -18.57
CA SER B 544 23.00 25.32 -19.95
C SER B 544 23.22 26.75 -20.40
N ARG B 545 23.72 26.93 -21.62
CA ARG B 545 23.78 28.27 -22.18
C ARG B 545 23.17 28.20 -23.58
N PRO B 546 22.91 29.38 -24.22
CA PRO B 546 22.18 29.35 -25.50
C PRO B 546 22.83 28.47 -26.55
N GLY B 547 22.05 27.58 -27.14
CA GLY B 547 22.55 26.66 -28.15
C GLY B 547 23.29 25.47 -27.60
N LYS B 548 23.66 25.53 -26.32
CA LYS B 548 24.44 24.46 -25.71
C LYS B 548 23.90 24.04 -24.34
N PRO B 549 22.80 23.29 -24.33
CA PRO B 549 22.25 22.76 -23.07
C PRO B 549 23.17 21.74 -22.44
N VAL B 550 23.10 21.61 -21.11
CA VAL B 550 23.71 20.51 -20.37
C VAL B 550 22.54 19.80 -19.69
N PHE B 551 22.42 18.48 -19.84
CA PHE B 551 21.21 17.81 -19.38
C PHE B 551 21.43 16.98 -18.11
N ASN B 552 20.50 17.10 -17.17
CA ASN B 552 20.48 16.26 -15.96
C ASN B 552 19.35 15.26 -16.13
N ARG B 553 19.63 13.97 -15.89
CA ARG B 553 18.55 13.00 -15.79
C ARG B 553 17.75 13.19 -14.51
N THR B 554 16.47 13.49 -14.69
CA THR B 554 15.57 13.82 -13.59
C THR B 554 15.12 12.55 -12.91
N VAL B 555 14.71 11.60 -13.75
CA VAL B 555 14.19 10.33 -13.28
C VAL B 555 14.25 9.36 -14.47
N THR B 556 14.45 8.08 -14.22
CA THR B 556 14.43 7.08 -15.30
C THR B 556 13.00 6.91 -15.83
N LEU B 557 12.85 6.24 -16.98
CA LEU B 557 11.53 5.97 -17.55
C LEU B 557 10.66 5.10 -16.66
N ARG B 558 11.27 4.13 -15.99
CA ARG B 558 10.55 3.18 -15.16
C ARG B 558 11.37 2.87 -13.91
N ASP B 559 10.70 2.45 -12.85
CA ASP B 559 11.37 2.14 -11.59
C ASP B 559 12.32 0.95 -11.71
N SER B 560 13.54 1.10 -11.21
CA SER B 560 14.51 0.01 -11.19
CA SER B 560 14.46 -0.04 -11.17
C SER B 560 14.89 -0.37 -9.76
N TRP B 561 14.44 0.42 -8.79
CA TRP B 561 14.81 0.20 -7.40
C TRP B 561 13.91 -0.79 -6.67
N GLY B 562 12.64 -0.87 -7.06
CA GLY B 562 11.67 -1.66 -6.30
C GLY B 562 11.25 -0.95 -5.03
N GLN B 563 10.36 -1.57 -4.25
CA GLN B 563 9.91 -0.96 -3.00
C GLN B 563 10.03 -1.94 -1.85
S SO4 C . 12.15 -61.95 12.64
O1 SO4 C . 11.73 -61.07 13.74
O2 SO4 C . 11.61 -61.44 11.37
O3 SO4 C . 11.66 -63.30 12.87
O4 SO4 C . 13.61 -61.99 12.60
S SO4 D . -19.00 -35.56 2.34
O1 SO4 D . -19.61 -34.31 2.78
O2 SO4 D . -18.46 -35.37 0.99
O3 SO4 D . -17.93 -35.94 3.26
O4 SO4 D . -20.02 -36.60 2.30
CL CL E . -32.35 -5.13 -9.09
S SO4 F . 30.97 6.47 -47.14
O1 SO4 F . 29.87 7.45 -47.09
O2 SO4 F . 32.13 7.07 -47.77
O3 SO4 F . 30.55 5.31 -47.90
O4 SO4 F . 31.34 6.08 -45.77
S SO4 G . 27.91 24.29 -9.41
O1 SO4 G . 26.90 24.70 -8.44
O2 SO4 G . 28.85 25.39 -9.63
O3 SO4 G . 27.27 23.95 -10.68
O4 SO4 G . 28.63 23.14 -8.90
CL CL H . 14.93 28.16 23.07
#